data_8OFM
#
_entry.id   8OFM
#
_cell.length_a   212.309
_cell.length_b   212.309
_cell.length_c   187.344
_cell.angle_alpha   90
_cell.angle_beta   90
_cell.angle_gamma   120
#
_symmetry.space_group_name_H-M   'H 3 2'
#
loop_
_entity.id
_entity.type
_entity.pdbx_description
1 polymer 'Succinate-semialdehyde dehydrogenase'
2 non-polymer 1,2-ETHANEDIOL
3 non-polymer GLYCEROL
4 non-polymer NICOTINAMIDE-ADENINE-DINUCLEOTIDE
5 non-polymer 'SULFATE ION'
6 water water
#
_entity_poly.entity_id   1
_entity_poly.type   'polypeptide(L)'
_entity_poly.pdbx_seq_one_letter_code
;MGSSHHHHHHSSGLVPRGSHMGTMVQLNEAGLFKSQGLIGDKWVDAENGHTLPVNNPATGEILTSVPFMGKREAEKAIAA
ASQAFTSWSKRTANDRSKILRQWFNLLIKNKDDLGKLIVLEQGKPLAEAVGEIVYGAAFVEYYAEEAKRVYGDIIPSPFP
EKRMLVMKQPVGVVAAIAPWNFPLAMITRKVAPALAAGCTVVIKPSELTPLTALAAAELALQAGIPPGVVNVVMGDAKGI
GDAMLDSTEVRKITFTGSTGVGKMLLAGAGKTVKKVSLELGGNAPCIVFDDANLDVAVKGVLAGKYRNSGQTCVCINKIF
VQDGIYDKFAEAFAKAVSGLRAGNGLEPGITQGPLINETALEKVERHVQDAVSKGAKVLVGGKRHSLGRTFYEPTILGNA
SDEMLIFREEVFGPVAPLVRFNTDEEAIKLANNSEFGLAAYAFTENITRGWRVAESLEFGMVGLNEGLISTEVAPFGGMK
QSGLGREGSKYGLDEYLEMKYVCLGNMAQPVG
;
_entity_poly.pdbx_strand_id   A,B
#
# COMPACT_ATOMS: atom_id res chain seq x y z
N HIS A 8 0.27 -38.67 32.99
CA HIS A 8 1.39 -38.58 32.06
C HIS A 8 1.62 -39.88 31.30
N HIS A 9 1.32 -41.04 31.92
CA HIS A 9 1.43 -42.33 31.23
C HIS A 9 0.52 -42.34 29.99
N HIS A 10 0.96 -42.98 28.89
CA HIS A 10 0.16 -42.98 27.67
C HIS A 10 -1.29 -43.47 27.86
N SER A 11 -1.58 -44.29 28.92
CA SER A 11 -2.94 -44.78 29.14
C SER A 11 -3.88 -43.73 29.76
N SER A 12 -3.35 -42.67 30.40
CA SER A 12 -4.17 -41.59 30.98
C SER A 12 -5.03 -40.94 29.92
N GLY A 13 -6.28 -40.62 30.26
CA GLY A 13 -7.21 -40.07 29.27
C GLY A 13 -7.59 -38.60 29.25
N LEU A 14 -6.86 -37.71 29.93
CA LEU A 14 -7.25 -36.28 29.95
C LEU A 14 -7.38 -35.70 28.51
N VAL A 15 -6.36 -35.94 27.67
N VAL A 15 -6.34 -35.93 27.68
N VAL A 15 -6.34 -35.91 27.68
CA VAL A 15 -6.40 -35.52 26.27
CA VAL A 15 -6.40 -35.52 26.27
CA VAL A 15 -6.41 -35.51 26.26
C VAL A 15 -7.05 -36.70 25.52
C VAL A 15 -7.05 -36.70 25.52
C VAL A 15 -7.05 -36.71 25.52
N PRO A 16 -8.22 -36.56 24.86
CA PRO A 16 -8.79 -37.73 24.13
C PRO A 16 -7.85 -38.16 23.02
N ARG A 17 -7.48 -39.45 23.00
CA ARG A 17 -6.54 -39.94 22.00
C ARG A 17 -7.27 -40.00 20.64
N GLY A 18 -6.52 -39.79 19.57
CA GLY A 18 -7.11 -39.83 18.23
C GLY A 18 -6.09 -39.68 17.12
N SER A 19 -6.59 -39.57 15.89
CA SER A 19 -5.76 -39.39 14.69
C SER A 19 -5.28 -37.96 14.61
N HIS A 20 -4.19 -37.72 13.89
CA HIS A 20 -3.64 -36.38 13.74
C HIS A 20 -3.33 -35.71 15.09
N MET A 21 -2.98 -36.52 16.11
CA MET A 21 -2.63 -35.95 17.41
C MET A 21 -1.31 -35.17 17.30
N GLY A 22 -0.37 -35.66 16.49
CA GLY A 22 0.89 -34.98 16.23
C GLY A 22 0.70 -33.58 15.68
N THR A 23 -0.28 -33.39 14.77
CA THR A 23 -0.61 -32.08 14.20
C THR A 23 -1.23 -31.20 15.28
N MET A 24 -2.15 -31.75 16.07
CA MET A 24 -2.80 -30.98 17.15
C MET A 24 -1.78 -30.56 18.20
N VAL A 25 -0.78 -31.41 18.53
CA VAL A 25 0.28 -31.08 19.47
C VAL A 25 1.11 -29.94 18.87
N GLN A 26 1.50 -30.03 17.60
CA GLN A 26 2.28 -28.95 16.94
C GLN A 26 1.51 -27.62 16.92
N LEU A 27 0.21 -27.64 16.66
CA LEU A 27 -0.60 -26.43 16.70
C LEU A 27 -0.66 -25.90 18.14
N ASN A 28 -0.94 -26.80 19.11
CA ASN A 28 -1.00 -26.41 20.52
C ASN A 28 0.33 -25.83 21.02
N GLU A 29 1.49 -26.33 20.51
CA GLU A 29 2.82 -25.84 20.84
C GLU A 29 2.98 -24.43 20.29
N ALA A 30 2.52 -24.18 19.08
CA ALA A 30 2.62 -22.85 18.46
C ALA A 30 1.70 -21.78 19.11
N GLY A 31 0.81 -22.17 20.01
CA GLY A 31 -0.14 -21.24 20.63
C GLY A 31 -1.34 -20.92 19.78
N LEU A 32 -1.64 -21.79 18.78
CA LEU A 32 -2.72 -21.63 17.82
C LEU A 32 -3.89 -22.58 18.02
N PHE A 33 -3.90 -23.37 19.08
CA PHE A 33 -5.00 -24.29 19.33
C PHE A 33 -5.64 -23.78 20.55
N LYS A 34 -6.80 -23.10 20.37
CA LYS A 34 -7.49 -22.42 21.46
C LYS A 34 -8.81 -23.06 21.79
N SER A 35 -9.19 -22.96 23.04
CA SER A 35 -10.45 -23.50 23.53
C SER A 35 -11.23 -22.45 24.36
N GLN A 36 -10.92 -21.16 24.19
CA GLN A 36 -11.58 -20.06 24.87
C GLN A 36 -11.79 -18.91 23.88
N GLY A 37 -12.76 -18.05 24.18
CA GLY A 37 -12.99 -16.83 23.41
C GLY A 37 -12.06 -15.74 23.89
N LEU A 38 -12.12 -14.58 23.26
CA LEU A 38 -11.25 -13.46 23.59
C LEU A 38 -12.09 -12.21 23.80
N ILE A 39 -12.06 -11.65 25.01
CA ILE A 39 -12.81 -10.45 25.32
C ILE A 39 -11.84 -9.51 26.00
N GLY A 40 -11.51 -8.40 25.35
CA GLY A 40 -10.54 -7.46 25.89
C GLY A 40 -9.18 -8.09 26.13
N ASP A 41 -8.65 -7.92 27.34
CA ASP A 41 -7.32 -8.46 27.64
C ASP A 41 -7.36 -9.86 28.24
N LYS A 42 -8.44 -10.61 28.07
CA LYS A 42 -8.55 -11.95 28.60
C LYS A 42 -9.11 -12.97 27.63
N TRP A 43 -8.55 -14.19 27.69
CA TRP A 43 -9.09 -15.37 27.03
C TRP A 43 -10.09 -15.91 28.06
N VAL A 44 -11.35 -16.11 27.67
CA VAL A 44 -12.41 -16.46 28.61
C VAL A 44 -13.25 -17.66 28.20
N ASP A 45 -13.87 -18.28 29.22
CA ASP A 45 -14.89 -19.28 29.09
C ASP A 45 -16.23 -18.54 29.07
N ALA A 46 -17.33 -19.25 28.81
CA ALA A 46 -18.66 -18.67 28.93
C ALA A 46 -18.91 -18.48 30.43
N GLU A 47 -19.80 -17.58 30.79
CA GLU A 47 -20.07 -17.27 32.20
C GLU A 47 -20.60 -18.49 32.98
N ASN A 48 -21.32 -19.39 32.32
CA ASN A 48 -21.81 -20.62 32.95
C ASN A 48 -20.94 -21.86 32.64
N GLY A 49 -19.78 -21.69 31.99
CA GLY A 49 -18.89 -22.79 31.65
C GLY A 49 -19.38 -23.72 30.57
N HIS A 50 -20.53 -23.42 29.93
CA HIS A 50 -21.04 -24.24 28.84
C HIS A 50 -20.16 -24.14 27.61
N THR A 51 -20.16 -25.22 26.81
CA THR A 51 -19.30 -25.38 25.65
C THR A 51 -20.04 -26.04 24.47
N LEU A 52 -19.37 -26.09 23.31
CA LEU A 52 -19.84 -26.83 22.16
C LEU A 52 -18.64 -27.55 21.54
N PRO A 53 -18.82 -28.78 21.03
CA PRO A 53 -17.67 -29.50 20.48
C PRO A 53 -17.36 -29.08 19.05
N VAL A 54 -16.08 -29.09 18.69
CA VAL A 54 -15.61 -28.87 17.32
C VAL A 54 -15.11 -30.26 16.85
N ASN A 55 -15.74 -30.82 15.82
CA ASN A 55 -15.39 -32.15 15.33
C ASN A 55 -14.74 -32.10 13.96
N ASN A 56 -13.88 -33.09 13.69
CA ASN A 56 -13.22 -33.20 12.41
C ASN A 56 -14.24 -33.84 11.43
N PRO A 57 -14.69 -33.15 10.37
CA PRO A 57 -15.70 -33.75 9.49
C PRO A 57 -15.29 -34.99 8.71
N ALA A 58 -13.98 -35.25 8.60
CA ALA A 58 -13.51 -36.43 7.87
C ALA A 58 -13.37 -37.66 8.77
N THR A 59 -13.23 -37.48 10.09
CA THR A 59 -13.03 -38.61 11.00
C THR A 59 -14.09 -38.77 12.07
N GLY A 60 -14.85 -37.71 12.36
CA GLY A 60 -15.84 -37.70 13.42
C GLY A 60 -15.24 -37.46 14.80
N GLU A 61 -13.91 -37.30 14.92
CA GLU A 61 -13.25 -37.12 16.19
C GLU A 61 -13.33 -35.69 16.71
N ILE A 62 -13.28 -35.56 18.02
CA ILE A 62 -13.32 -34.26 18.64
C ILE A 62 -11.93 -33.63 18.57
N LEU A 63 -11.88 -32.37 18.20
CA LEU A 63 -10.65 -31.61 18.19
C LEU A 63 -10.54 -30.97 19.58
N THR A 64 -11.59 -30.25 19.98
CA THR A 64 -11.67 -29.61 21.28
C THR A 64 -13.10 -29.05 21.47
N SER A 65 -13.35 -28.38 22.57
CA SER A 65 -14.58 -27.68 22.81
C SER A 65 -14.25 -26.19 22.82
N VAL A 66 -15.21 -25.36 22.49
CA VAL A 66 -15.08 -23.92 22.62
C VAL A 66 -16.25 -23.45 23.49
N PRO A 67 -16.17 -22.26 24.10
CA PRO A 67 -17.30 -21.80 24.92
C PRO A 67 -18.60 -21.61 24.12
N PHE A 68 -19.72 -21.79 24.82
CA PHE A 68 -21.04 -21.53 24.31
C PHE A 68 -21.49 -20.29 25.02
N MET A 69 -21.18 -19.15 24.43
CA MET A 69 -21.47 -17.82 24.94
C MET A 69 -22.82 -17.32 24.45
N GLY A 70 -23.29 -16.23 25.04
CA GLY A 70 -24.55 -15.64 24.65
C GLY A 70 -24.53 -14.13 24.80
N LYS A 71 -25.70 -13.58 25.10
CA LYS A 71 -25.92 -12.14 25.26
C LYS A 71 -24.91 -11.44 26.18
N ARG A 72 -24.68 -11.97 27.38
CA ARG A 72 -23.83 -11.29 28.37
C ARG A 72 -22.39 -11.15 27.91
N GLU A 73 -21.83 -12.21 27.35
CA GLU A 73 -20.46 -12.18 26.85
C GLU A 73 -20.36 -11.24 25.66
N ALA A 74 -21.36 -11.22 24.77
CA ALA A 74 -21.37 -10.33 23.62
C ALA A 74 -21.37 -8.87 24.08
N GLU A 75 -22.16 -8.54 25.12
CA GLU A 75 -22.20 -7.19 25.67
C GLU A 75 -20.83 -6.79 26.23
N LYS A 76 -20.15 -7.72 26.91
CA LYS A 76 -18.81 -7.44 27.45
C LYS A 76 -17.80 -7.26 26.31
N ALA A 77 -17.94 -8.02 25.22
CA ALA A 77 -17.05 -7.87 24.07
C ALA A 77 -17.29 -6.49 23.40
N ILE A 78 -18.55 -6.07 23.28
CA ILE A 78 -18.88 -4.76 22.70
C ILE A 78 -18.33 -3.63 23.58
N ALA A 79 -18.45 -3.76 24.92
CA ALA A 79 -17.92 -2.74 25.82
C ALA A 79 -16.40 -2.64 25.68
N ALA A 80 -15.71 -3.77 25.55
CA ALA A 80 -14.25 -3.77 25.39
C ALA A 80 -13.87 -3.11 24.07
N ALA A 81 -14.59 -3.42 22.98
CA ALA A 81 -14.31 -2.83 21.68
C ALA A 81 -14.59 -1.32 21.69
N SER A 82 -15.63 -0.90 22.38
CA SER A 82 -15.98 0.53 22.48
C SER A 82 -14.91 1.31 23.28
N GLN A 83 -14.40 0.73 24.36
CA GLN A 83 -13.36 1.35 25.17
C GLN A 83 -12.05 1.43 24.36
N ALA A 84 -11.73 0.40 23.57
CA ALA A 84 -10.51 0.40 22.77
C ALA A 84 -10.54 1.33 21.57
N PHE A 85 -11.73 1.63 21.05
CA PHE A 85 -11.93 2.46 19.86
C PHE A 85 -11.28 3.83 19.96
N THR A 86 -11.42 4.52 21.07
CA THR A 86 -10.89 5.88 21.24
C THR A 86 -9.39 5.97 20.92
N SER A 87 -8.58 5.10 21.53
CA SER A 87 -7.15 5.10 21.30
C SER A 87 -6.77 4.55 19.91
N TRP A 88 -7.39 3.45 19.47
CA TRP A 88 -7.08 2.84 18.19
C TRP A 88 -7.40 3.79 17.04
N SER A 89 -8.57 4.44 17.05
CA SER A 89 -8.97 5.36 15.98
C SER A 89 -8.12 6.63 15.96
N LYS A 90 -7.54 7.02 17.09
CA LYS A 90 -6.69 8.24 17.14
C LYS A 90 -5.24 7.99 16.75
N ARG A 91 -4.82 6.73 16.54
CA ARG A 91 -3.48 6.45 16.05
C ARG A 91 -3.38 6.98 14.61
N THR A 92 -2.16 7.26 14.13
CA THR A 92 -1.99 7.65 12.73
C THR A 92 -2.30 6.42 11.88
N ALA A 93 -2.65 6.61 10.60
CA ALA A 93 -2.86 5.51 9.68
C ALA A 93 -1.56 4.68 9.54
N ASN A 94 -0.42 5.34 9.52
CA ASN A 94 0.88 4.68 9.41
C ASN A 94 1.14 3.72 10.55
N ASP A 95 0.73 4.10 11.78
CA ASP A 95 0.91 3.27 12.96
C ASP A 95 0.02 2.04 12.88
N ARG A 96 -1.27 2.20 12.49
CA ARG A 96 -2.14 1.04 12.32
C ARG A 96 -1.63 0.14 11.19
N SER A 97 -1.09 0.74 10.11
CA SER A 97 -0.55 0.01 8.97
C SER A 97 0.60 -0.89 9.40
N LYS A 98 1.53 -0.37 10.23
CA LYS A 98 2.68 -1.15 10.71
C LYS A 98 2.22 -2.35 11.52
N ILE A 99 1.26 -2.16 12.41
CA ILE A 99 0.73 -3.23 13.25
C ILE A 99 -0.01 -4.28 12.41
N LEU A 100 -0.82 -3.85 11.45
CA LEU A 100 -1.53 -4.80 10.58
C LEU A 100 -0.54 -5.59 9.71
N ARG A 101 0.56 -4.96 9.25
CA ARG A 101 1.58 -5.69 8.48
C ARG A 101 2.26 -6.75 9.34
N GLN A 102 2.47 -6.46 10.63
CA GLN A 102 3.05 -7.45 11.55
C GLN A 102 2.08 -8.66 11.67
N TRP A 103 0.76 -8.40 11.67
CA TRP A 103 -0.23 -9.48 11.74
C TRP A 103 -0.17 -10.29 10.45
N PHE A 104 -0.11 -9.60 9.29
CA PHE A 104 0.04 -10.27 7.99
C PHE A 104 1.26 -11.22 7.97
N ASN A 105 2.40 -10.72 8.45
CA ASN A 105 3.63 -11.50 8.46
C ASN A 105 3.51 -12.74 9.33
N LEU A 106 2.83 -12.64 10.47
CA LEU A 106 2.64 -13.77 11.37
C LEU A 106 1.70 -14.80 10.78
N LEU A 107 0.66 -14.38 10.04
CA LEU A 107 -0.23 -15.32 9.37
C LEU A 107 0.56 -16.08 8.32
N ILE A 108 1.39 -15.40 7.55
CA ILE A 108 2.19 -16.05 6.51
C ILE A 108 3.24 -16.98 7.14
N LYS A 109 3.93 -16.52 8.19
CA LYS A 109 4.92 -17.36 8.87
C LYS A 109 4.32 -18.67 9.38
N ASN A 110 3.06 -18.64 9.83
CA ASN A 110 2.37 -19.80 10.39
C ASN A 110 1.40 -20.45 9.40
N LYS A 111 1.55 -20.23 8.08
CA LYS A 111 0.55 -20.70 7.12
C LYS A 111 0.37 -22.21 7.02
N ASP A 112 1.43 -22.99 7.19
CA ASP A 112 1.31 -24.44 7.05
C ASP A 112 0.51 -25.02 8.23
N ASP A 113 0.78 -24.57 9.46
CA ASP A 113 0.02 -25.02 10.62
C ASP A 113 -1.42 -24.50 10.56
N LEU A 114 -1.61 -23.23 10.15
CA LEU A 114 -2.97 -22.69 10.05
C LEU A 114 -3.76 -23.41 8.97
N GLY A 115 -3.11 -23.77 7.87
CA GLY A 115 -3.76 -24.55 6.81
C GLY A 115 -4.23 -25.89 7.32
N LYS A 116 -3.41 -26.57 8.14
CA LYS A 116 -3.80 -27.84 8.73
C LYS A 116 -4.97 -27.68 9.68
N LEU A 117 -5.04 -26.57 10.43
CA LEU A 117 -6.17 -26.34 11.34
C LEU A 117 -7.46 -26.19 10.56
N ILE A 118 -7.41 -25.52 9.39
CA ILE A 118 -8.60 -25.41 8.52
C ILE A 118 -9.04 -26.81 8.05
N VAL A 119 -8.07 -27.64 7.63
CA VAL A 119 -8.37 -29.02 7.21
C VAL A 119 -9.08 -29.77 8.35
N LEU A 120 -8.51 -29.70 9.54
CA LEU A 120 -9.04 -30.39 10.70
C LEU A 120 -10.49 -30.06 11.01
N GLU A 121 -10.86 -28.77 11.03
CA GLU A 121 -12.22 -28.39 11.41
C GLU A 121 -13.21 -28.21 10.25
N GLN A 122 -12.74 -27.93 9.03
CA GLN A 122 -13.64 -27.70 7.89
C GLN A 122 -13.57 -28.81 6.80
N GLY A 123 -12.43 -29.46 6.67
CA GLY A 123 -12.29 -30.62 5.82
C GLY A 123 -11.65 -30.49 4.45
N LYS A 124 -11.49 -29.26 3.96
CA LYS A 124 -10.96 -29.06 2.60
C LYS A 124 -9.55 -29.64 2.43
N PRO A 125 -9.11 -30.00 1.20
CA PRO A 125 -7.74 -30.50 1.03
C PRO A 125 -6.69 -29.50 1.51
N LEU A 126 -5.56 -29.99 2.02
CA LEU A 126 -4.51 -29.12 2.56
C LEU A 126 -4.02 -28.07 1.58
N ALA A 127 -3.89 -28.39 0.28
CA ALA A 127 -3.45 -27.41 -0.72
C ALA A 127 -4.44 -26.22 -0.77
N GLU A 128 -5.74 -26.51 -0.69
CA GLU A 128 -6.76 -25.45 -0.68
C GLU A 128 -6.70 -24.66 0.61
N ALA A 129 -6.46 -25.33 1.74
CA ALA A 129 -6.39 -24.66 3.04
C ALA A 129 -5.17 -23.74 3.15
N VAL A 130 -4.01 -24.16 2.66
CA VAL A 130 -2.82 -23.28 2.67
C VAL A 130 -3.10 -22.10 1.69
N GLY A 131 -3.73 -22.37 0.54
CA GLY A 131 -4.16 -21.34 -0.40
C GLY A 131 -5.11 -20.34 0.25
N GLU A 132 -6.02 -20.82 1.12
CA GLU A 132 -6.91 -19.95 1.84
C GLU A 132 -6.13 -19.06 2.80
N ILE A 133 -5.08 -19.55 3.44
CA ILE A 133 -4.30 -18.72 4.36
C ILE A 133 -3.62 -17.60 3.58
N VAL A 134 -3.05 -17.92 2.42
CA VAL A 134 -2.37 -16.92 1.59
C VAL A 134 -3.39 -15.84 1.11
N TYR A 135 -4.56 -16.28 0.69
CA TYR A 135 -5.63 -15.39 0.24
C TYR A 135 -6.23 -14.55 1.39
N GLY A 136 -6.51 -15.19 2.52
CA GLY A 136 -7.04 -14.49 3.68
C GLY A 136 -6.05 -13.49 4.24
N ALA A 137 -4.77 -13.88 4.33
CA ALA A 137 -3.73 -12.96 4.80
C ALA A 137 -3.56 -11.80 3.83
N ALA A 138 -3.76 -12.02 2.50
CA ALA A 138 -3.65 -10.95 1.50
C ALA A 138 -4.56 -9.76 1.81
N PHE A 139 -5.75 -9.98 2.41
CA PHE A 139 -6.63 -8.88 2.81
C PHE A 139 -6.00 -8.07 3.93
N VAL A 140 -5.27 -8.72 4.85
CA VAL A 140 -4.59 -8.01 5.92
C VAL A 140 -3.51 -7.09 5.31
N GLU A 141 -2.68 -7.63 4.40
CA GLU A 141 -1.66 -6.81 3.74
C GLU A 141 -2.30 -5.68 2.95
N TYR A 142 -3.32 -6.00 2.16
CA TYR A 142 -3.97 -5.01 1.31
C TYR A 142 -4.47 -3.80 2.09
N TYR A 143 -5.19 -4.04 3.20
CA TYR A 143 -5.74 -2.95 3.99
C TYR A 143 -4.72 -2.30 4.92
N ALA A 144 -3.59 -2.96 5.23
CA ALA A 144 -2.49 -2.28 5.93
C ALA A 144 -1.94 -1.15 5.02
N GLU A 145 -1.90 -1.41 3.71
CA GLU A 145 -1.47 -0.44 2.71
C GLU A 145 -2.54 0.59 2.46
N GLU A 146 -3.79 0.15 2.35
CA GLU A 146 -4.91 1.04 2.08
C GLU A 146 -5.23 1.98 3.26
N ALA A 147 -4.84 1.63 4.49
CA ALA A 147 -5.08 2.49 5.66
C ALA A 147 -4.49 3.88 5.47
N LYS A 148 -3.33 3.96 4.79
CA LYS A 148 -2.64 5.22 4.54
C LYS A 148 -3.20 5.96 3.32
N ARG A 149 -4.22 5.41 2.64
CA ARG A 149 -4.77 5.98 1.44
C ARG A 149 -6.25 6.34 1.60
N VAL A 150 -6.66 6.68 2.81
CA VAL A 150 -8.02 7.15 3.07
C VAL A 150 -7.95 8.65 2.77
N TYR A 151 -8.10 9.02 1.50
CA TYR A 151 -7.96 10.40 1.10
C TYR A 151 -9.25 11.17 1.31
N GLY A 152 -9.10 12.39 1.78
CA GLY A 152 -10.20 13.34 1.81
C GLY A 152 -10.14 14.19 0.55
N ASP A 153 -11.08 15.13 0.41
CA ASP A 153 -11.18 15.98 -0.78
C ASP A 153 -11.26 17.46 -0.43
N ILE A 154 -10.92 18.32 -1.40
CA ILE A 154 -11.15 19.75 -1.36
C ILE A 154 -11.98 19.98 -2.64
N ILE A 155 -13.18 20.48 -2.47
CA ILE A 155 -14.12 20.64 -3.57
C ILE A 155 -14.17 22.09 -3.97
N PRO A 156 -14.13 22.42 -5.29
CA PRO A 156 -14.30 23.83 -5.66
C PRO A 156 -15.63 24.37 -5.20
N SER A 157 -15.59 25.48 -4.49
CA SER A 157 -16.77 26.07 -3.93
C SER A 157 -17.42 27.04 -4.90
N PRO A 158 -18.74 26.93 -5.13
CA PRO A 158 -19.42 27.96 -5.93
C PRO A 158 -19.63 29.30 -5.19
N PHE A 159 -19.33 29.36 -3.87
CA PHE A 159 -19.42 30.57 -3.07
C PHE A 159 -18.00 31.09 -2.89
N PRO A 160 -17.68 32.32 -3.35
CA PRO A 160 -16.30 32.82 -3.16
C PRO A 160 -15.82 32.89 -1.71
N GLU A 161 -16.72 33.05 -0.76
CA GLU A 161 -16.38 33.21 0.66
C GLU A 161 -16.36 31.90 1.45
N LYS A 162 -16.51 30.77 0.79
CA LYS A 162 -16.51 29.47 1.46
C LYS A 162 -15.52 28.55 0.82
N ARG A 163 -15.00 27.61 1.63
CA ARG A 163 -14.12 26.52 1.19
C ARG A 163 -14.71 25.23 1.68
N MET A 164 -14.63 24.17 0.87
CA MET A 164 -15.32 22.92 1.15
C MET A 164 -14.39 21.74 1.16
N LEU A 165 -14.44 20.94 2.23
CA LEU A 165 -13.63 19.77 2.42
C LEU A 165 -14.48 18.55 2.69
N VAL A 166 -13.94 17.37 2.41
CA VAL A 166 -14.51 16.11 2.77
C VAL A 166 -13.44 15.31 3.51
N MET A 167 -13.74 14.95 4.76
CA MET A 167 -12.91 14.09 5.59
C MET A 167 -13.60 12.73 5.68
N LYS A 168 -12.85 11.68 5.96
CA LYS A 168 -13.37 10.31 6.10
C LYS A 168 -12.83 9.76 7.39
N GLN A 169 -13.72 9.23 8.26
CA GLN A 169 -13.36 8.78 9.59
C GLN A 169 -13.97 7.41 9.91
N PRO A 170 -13.36 6.59 10.81
CA PRO A 170 -13.93 5.27 11.06
C PRO A 170 -15.33 5.32 11.61
N VAL A 171 -16.18 4.39 11.20
CA VAL A 171 -17.57 4.35 11.64
C VAL A 171 -17.72 4.07 13.16
N GLY A 172 -16.83 3.27 13.75
CA GLY A 172 -16.92 2.93 15.17
C GLY A 172 -16.77 1.42 15.39
N VAL A 173 -17.45 0.88 16.40
CA VAL A 173 -17.41 -0.56 16.68
C VAL A 173 -18.17 -1.30 15.59
N VAL A 174 -17.58 -2.37 15.08
CA VAL A 174 -18.12 -3.22 14.04
C VAL A 174 -18.42 -4.58 14.63
N ALA A 175 -19.58 -5.17 14.31
CA ALA A 175 -19.91 -6.53 14.65
C ALA A 175 -19.78 -7.33 13.35
N ALA A 176 -18.96 -8.40 13.35
CA ALA A 176 -18.71 -9.22 12.17
C ALA A 176 -19.12 -10.65 12.41
N ILE A 177 -19.94 -11.22 11.51
CA ILE A 177 -20.45 -12.60 11.61
C ILE A 177 -20.01 -13.33 10.37
N ALA A 178 -19.33 -14.47 10.55
CA ALA A 178 -18.72 -15.20 9.45
C ALA A 178 -19.21 -16.66 9.29
N PRO A 179 -19.18 -17.24 8.07
CA PRO A 179 -19.59 -18.63 7.88
C PRO A 179 -18.41 -19.60 8.01
N TRP A 180 -18.69 -20.89 7.83
CA TRP A 180 -17.74 -22.00 8.01
C TRP A 180 -16.90 -22.39 6.82
N ASN A 181 -17.23 -21.95 5.60
CA ASN A 181 -16.57 -22.49 4.41
C ASN A 181 -15.19 -21.94 4.13
N PHE A 182 -14.88 -20.74 4.62
CA PHE A 182 -13.54 -20.18 4.54
C PHE A 182 -13.25 -19.66 5.95
N PRO A 183 -12.82 -20.55 6.87
CA PRO A 183 -12.68 -20.15 8.29
C PRO A 183 -11.70 -19.04 8.62
N LEU A 184 -10.73 -18.75 7.72
CA LEU A 184 -9.83 -17.62 7.94
C LEU A 184 -10.25 -16.46 7.05
N ALA A 185 -10.34 -16.67 5.72
CA ALA A 185 -10.55 -15.57 4.79
C ALA A 185 -11.80 -14.77 5.08
N MET A 186 -12.85 -15.42 5.56
CA MET A 186 -14.07 -14.69 5.90
C MET A 186 -13.90 -13.77 7.09
N ILE A 187 -12.97 -14.10 8.02
CA ILE A 187 -12.67 -13.30 9.18
C ILE A 187 -11.84 -12.08 8.69
N THR A 188 -10.71 -12.32 7.98
CA THR A 188 -9.81 -11.24 7.55
C THR A 188 -10.45 -10.29 6.56
N ARG A 189 -11.35 -10.77 5.68
CA ARG A 189 -12.07 -9.91 4.75
C ARG A 189 -12.86 -8.81 5.46
N LYS A 190 -13.32 -9.06 6.69
CA LYS A 190 -14.10 -8.11 7.50
C LYS A 190 -13.23 -7.36 8.50
N VAL A 191 -12.37 -8.07 9.22
CA VAL A 191 -11.55 -7.50 10.27
C VAL A 191 -10.45 -6.57 9.72
N ALA A 192 -9.74 -6.99 8.65
CA ALA A 192 -8.63 -6.18 8.13
C ALA A 192 -9.08 -4.77 7.71
N PRO A 193 -10.15 -4.58 6.89
CA PRO A 193 -10.56 -3.21 6.55
C PRO A 193 -11.07 -2.44 7.74
N ALA A 194 -11.78 -3.10 8.67
CA ALA A 194 -12.30 -2.42 9.86
C ALA A 194 -11.15 -1.84 10.69
N LEU A 195 -10.12 -2.65 10.97
CA LEU A 195 -8.99 -2.21 11.77
C LEU A 195 -8.20 -1.15 11.04
N ALA A 196 -8.01 -1.30 9.72
CA ALA A 196 -7.28 -0.33 8.92
C ALA A 196 -7.92 1.05 8.99
N ALA A 197 -9.25 1.13 8.87
CA ALA A 197 -10.00 2.37 8.97
C ALA A 197 -9.91 3.03 10.35
N GLY A 198 -9.63 2.25 11.40
CA GLY A 198 -9.60 2.73 12.78
C GLY A 198 -10.77 2.25 13.61
N CYS A 199 -11.53 1.26 13.14
CA CYS A 199 -12.62 0.61 13.87
C CYS A 199 -12.03 -0.47 14.78
N THR A 200 -12.84 -0.91 15.76
CA THR A 200 -12.58 -2.07 16.62
C THR A 200 -13.67 -3.07 16.22
N VAL A 201 -13.50 -4.34 16.56
N VAL A 201 -13.47 -4.37 16.50
N VAL A 201 -13.49 -4.35 16.55
CA VAL A 201 -14.43 -5.37 16.10
CA VAL A 201 -14.40 -5.41 16.05
CA VAL A 201 -14.40 -5.40 16.13
C VAL A 201 -14.72 -6.46 17.13
C VAL A 201 -14.72 -6.44 17.13
C VAL A 201 -14.77 -6.35 17.24
N VAL A 202 -15.97 -6.97 17.08
CA VAL A 202 -16.47 -8.07 17.88
C VAL A 202 -16.80 -9.08 16.75
N ILE A 203 -16.08 -10.20 16.70
CA ILE A 203 -16.20 -11.22 15.66
C ILE A 203 -16.95 -12.41 16.22
N LYS A 204 -17.93 -12.93 15.48
CA LYS A 204 -18.59 -14.17 15.83
C LYS A 204 -18.33 -15.15 14.67
N PRO A 205 -17.35 -16.05 14.80
CA PRO A 205 -17.14 -17.03 13.73
C PRO A 205 -18.24 -18.09 13.78
N SER A 206 -18.31 -18.93 12.76
CA SER A 206 -19.23 -20.05 12.76
C SER A 206 -18.88 -21.01 13.89
N GLU A 207 -19.87 -21.49 14.63
CA GLU A 207 -19.64 -22.47 15.68
C GLU A 207 -19.12 -23.81 15.12
N LEU A 208 -19.23 -24.03 13.81
CA LEU A 208 -18.72 -25.21 13.17
C LEU A 208 -17.21 -25.13 12.94
N THR A 209 -16.66 -23.91 12.75
CA THR A 209 -15.24 -23.74 12.45
C THR A 209 -14.66 -22.50 13.20
N PRO A 210 -14.68 -22.49 14.55
CA PRO A 210 -14.17 -21.29 15.26
C PRO A 210 -12.68 -21.28 15.57
N LEU A 211 -12.01 -22.43 15.47
CA LEU A 211 -10.61 -22.53 15.91
C LEU A 211 -9.66 -21.65 15.11
N THR A 212 -9.87 -21.55 13.78
CA THR A 212 -9.02 -20.71 12.93
C THR A 212 -9.18 -19.23 13.27
N ALA A 213 -10.40 -18.79 13.62
CA ALA A 213 -10.61 -17.39 14.02
C ALA A 213 -9.85 -17.11 15.32
N LEU A 214 -9.87 -18.05 16.26
CA LEU A 214 -9.17 -17.87 17.54
C LEU A 214 -7.67 -17.89 17.34
N ALA A 215 -7.15 -18.73 16.42
CA ALA A 215 -5.72 -18.74 16.12
C ALA A 215 -5.32 -17.41 15.49
N ALA A 216 -6.16 -16.89 14.56
CA ALA A 216 -5.91 -15.60 13.92
C ALA A 216 -5.89 -14.48 14.96
N ALA A 217 -6.80 -14.51 15.94
CA ALA A 217 -6.85 -13.48 17.00
C ALA A 217 -5.62 -13.57 17.90
N GLU A 218 -5.13 -14.78 18.21
CA GLU A 218 -3.88 -14.94 18.98
C GLU A 218 -2.72 -14.25 18.23
N LEU A 219 -2.61 -14.48 16.93
CA LEU A 219 -1.56 -13.85 16.12
C LEU A 219 -1.74 -12.33 16.02
N ALA A 220 -2.98 -11.84 16.04
CA ALA A 220 -3.24 -10.38 16.07
C ALA A 220 -2.67 -9.79 17.37
N LEU A 221 -2.88 -10.47 18.50
CA LEU A 221 -2.32 -10.02 19.79
C LEU A 221 -0.77 -10.04 19.76
N GLN A 222 -0.18 -11.10 19.21
CA GLN A 222 1.27 -11.20 19.07
C GLN A 222 1.84 -10.09 18.20
N ALA A 223 1.09 -9.67 17.17
CA ALA A 223 1.46 -8.57 16.29
C ALA A 223 1.41 -7.19 16.93
N GLY A 224 0.88 -7.07 18.14
CA GLY A 224 0.76 -5.78 18.81
C GLY A 224 -0.58 -5.10 18.64
N ILE A 225 -1.62 -5.82 18.20
CA ILE A 225 -2.96 -5.24 18.11
C ILE A 225 -3.43 -5.10 19.58
N PRO A 226 -3.73 -3.88 20.08
CA PRO A 226 -4.06 -3.77 21.51
C PRO A 226 -5.28 -4.58 21.96
N PRO A 227 -5.33 -5.01 23.23
CA PRO A 227 -6.53 -5.74 23.70
C PRO A 227 -7.81 -4.91 23.56
N GLY A 228 -8.89 -5.56 23.19
CA GLY A 228 -10.16 -4.90 22.96
C GLY A 228 -10.38 -4.47 21.52
N VAL A 229 -9.31 -4.33 20.72
CA VAL A 229 -9.45 -3.97 19.32
C VAL A 229 -10.07 -5.15 18.53
N VAL A 230 -9.68 -6.39 18.87
CA VAL A 230 -10.24 -7.60 18.30
C VAL A 230 -10.79 -8.44 19.47
N ASN A 231 -12.05 -8.88 19.35
CA ASN A 231 -12.71 -9.72 20.35
C ASN A 231 -13.43 -10.83 19.58
N VAL A 232 -13.41 -12.05 20.12
CA VAL A 232 -14.01 -13.22 19.47
C VAL A 232 -14.95 -13.92 20.45
N VAL A 233 -16.22 -14.04 20.06
CA VAL A 233 -17.26 -14.69 20.84
C VAL A 233 -18.00 -15.69 19.94
N MET A 234 -18.55 -16.76 20.53
CA MET A 234 -19.28 -17.79 19.77
C MET A 234 -20.22 -18.56 20.70
N GLY A 235 -21.21 -19.21 20.13
CA GLY A 235 -22.14 -20.06 20.88
C GLY A 235 -23.56 -19.91 20.41
N ASP A 236 -24.34 -19.13 21.15
CA ASP A 236 -25.72 -18.87 20.84
C ASP A 236 -25.70 -17.74 19.80
N ALA A 237 -25.66 -18.09 18.53
CA ALA A 237 -25.58 -17.14 17.45
C ALA A 237 -26.73 -16.14 17.47
N LYS A 238 -27.96 -16.59 17.73
CA LYS A 238 -29.13 -15.72 17.82
C LYS A 238 -28.98 -14.68 18.96
N GLY A 239 -28.59 -15.11 20.15
CA GLY A 239 -28.41 -14.20 21.28
C GLY A 239 -27.27 -13.23 21.08
N ILE A 240 -26.16 -13.70 20.47
CA ILE A 240 -25.01 -12.84 20.20
C ILE A 240 -25.41 -11.79 19.17
N GLY A 241 -26.10 -12.22 18.12
CA GLY A 241 -26.60 -11.32 17.09
C GLY A 241 -27.55 -10.28 17.64
N ASP A 242 -28.44 -10.68 18.55
CA ASP A 242 -29.39 -9.74 19.19
C ASP A 242 -28.64 -8.70 20.04
N ALA A 243 -27.58 -9.10 20.77
CA ALA A 243 -26.78 -8.14 21.53
C ALA A 243 -26.09 -7.15 20.58
N MET A 244 -25.61 -7.64 19.43
CA MET A 244 -24.97 -6.78 18.42
C MET A 244 -25.98 -5.78 17.87
N LEU A 245 -27.19 -6.25 17.55
CA LEU A 245 -28.24 -5.39 17.01
C LEU A 245 -28.79 -4.39 18.03
N ASP A 246 -28.94 -4.77 19.28
CA ASP A 246 -29.48 -3.89 20.32
C ASP A 246 -28.51 -2.82 20.80
N SER A 247 -27.21 -3.00 20.59
CA SER A 247 -26.20 -2.05 21.07
C SER A 247 -26.16 -0.81 20.23
N THR A 248 -26.19 0.37 20.84
CA THR A 248 -26.02 1.62 20.10
C THR A 248 -24.55 1.85 19.77
N GLU A 249 -23.59 1.27 20.52
CA GLU A 249 -22.16 1.42 20.21
C GLU A 249 -21.75 0.67 18.95
N VAL A 250 -22.47 -0.39 18.58
CA VAL A 250 -22.16 -1.14 17.35
C VAL A 250 -22.73 -0.27 16.23
N ARG A 251 -21.87 0.40 15.46
CA ARG A 251 -22.32 1.29 14.39
C ARG A 251 -22.45 0.63 13.05
N LYS A 252 -21.91 -0.58 12.89
CA LYS A 252 -21.94 -1.30 11.66
C LYS A 252 -21.97 -2.79 11.93
N ILE A 253 -22.70 -3.51 11.07
CA ILE A 253 -22.70 -4.95 11.10
C ILE A 253 -22.31 -5.47 9.69
N THR A 254 -21.40 -6.48 9.65
CA THR A 254 -20.99 -7.14 8.42
C THR A 254 -21.22 -8.64 8.58
N PHE A 255 -21.94 -9.22 7.62
CA PHE A 255 -22.38 -10.60 7.69
C PHE A 255 -22.17 -11.32 6.38
N THR A 256 -21.71 -12.55 6.46
CA THR A 256 -21.62 -13.44 5.31
C THR A 256 -22.27 -14.74 5.77
N GLY A 257 -23.20 -15.25 4.97
CA GLY A 257 -23.95 -16.43 5.33
C GLY A 257 -25.24 -16.58 4.56
N SER A 258 -26.18 -17.29 5.12
CA SER A 258 -27.41 -17.61 4.44
C SER A 258 -28.30 -16.38 4.26
N THR A 259 -29.11 -16.42 3.21
CA THR A 259 -30.00 -15.31 2.87
C THR A 259 -31.04 -15.06 3.97
N GLY A 260 -31.61 -16.10 4.54
CA GLY A 260 -32.60 -15.98 5.60
C GLY A 260 -32.09 -15.28 6.85
N VAL A 261 -30.89 -15.64 7.30
CA VAL A 261 -30.26 -15.00 8.46
C VAL A 261 -29.87 -13.55 8.11
N GLY A 262 -29.34 -13.36 6.92
CA GLY A 262 -28.97 -12.02 6.44
C GLY A 262 -30.11 -11.03 6.43
N LYS A 263 -31.26 -11.48 5.93
CA LYS A 263 -32.47 -10.66 5.87
C LYS A 263 -32.97 -10.27 7.26
N MET A 264 -32.88 -11.20 8.21
CA MET A 264 -33.27 -10.96 9.60
C MET A 264 -32.35 -9.92 10.22
N LEU A 265 -31.04 -10.00 10.00
CA LEU A 265 -30.10 -9.03 10.55
C LEU A 265 -30.33 -7.64 9.96
N LEU A 266 -30.59 -7.57 8.66
CA LEU A 266 -30.84 -6.30 7.97
C LEU A 266 -32.13 -5.67 8.54
N ALA A 267 -33.17 -6.48 8.77
CA ALA A 267 -34.39 -5.96 9.37
C ALA A 267 -34.15 -5.43 10.80
N GLY A 268 -33.41 -6.19 11.62
CA GLY A 268 -33.10 -5.81 12.98
C GLY A 268 -32.21 -4.59 13.11
N ALA A 269 -31.33 -4.36 12.13
CA ALA A 269 -30.43 -3.20 12.09
C ALA A 269 -31.16 -1.85 11.96
N GLY A 270 -32.38 -1.88 11.45
CA GLY A 270 -33.15 -0.67 11.25
C GLY A 270 -33.37 0.18 12.47
N LYS A 271 -33.61 -0.43 13.64
CA LYS A 271 -33.95 0.34 14.83
C LYS A 271 -32.80 1.19 15.41
N THR A 272 -31.53 0.93 15.06
CA THR A 272 -30.43 1.81 15.45
C THR A 272 -29.73 2.40 14.22
N VAL A 273 -30.31 2.26 13.00
CA VAL A 273 -29.79 2.79 11.74
C VAL A 273 -28.31 2.42 11.55
N LYS A 274 -28.00 1.14 11.72
CA LYS A 274 -26.64 0.68 11.53
C LYS A 274 -26.28 0.62 10.08
N LYS A 275 -25.01 0.84 9.75
CA LYS A 275 -24.50 0.57 8.42
C LYS A 275 -24.45 -0.99 8.35
N VAL A 276 -24.87 -1.56 7.23
CA VAL A 276 -24.91 -3.00 7.07
C VAL A 276 -24.28 -3.40 5.75
N SER A 277 -23.36 -4.38 5.78
CA SER A 277 -22.86 -5.01 4.57
C SER A 277 -23.12 -6.52 4.70
N LEU A 278 -23.61 -7.12 3.62
CA LEU A 278 -24.06 -8.51 3.58
C LEU A 278 -23.56 -9.19 2.32
N GLU A 279 -23.22 -10.47 2.44
CA GLU A 279 -22.87 -11.32 1.30
C GLU A 279 -23.63 -12.60 1.54
N LEU A 280 -24.64 -12.84 0.76
CA LEU A 280 -25.61 -13.90 0.99
C LEU A 280 -25.57 -15.01 -0.09
N GLY A 281 -26.63 -15.78 -0.25
CA GLY A 281 -26.66 -16.86 -1.22
C GLY A 281 -26.39 -16.43 -2.65
N GLY A 282 -25.78 -17.34 -3.37
CA GLY A 282 -25.51 -17.19 -4.79
C GLY A 282 -26.00 -18.43 -5.51
N ASN A 283 -26.37 -18.27 -6.76
CA ASN A 283 -26.77 -19.41 -7.59
C ASN A 283 -26.17 -19.08 -8.92
N ALA A 284 -24.86 -19.35 -9.04
CA ALA A 284 -24.12 -18.91 -10.19
C ALA A 284 -24.38 -19.65 -11.46
N PRO A 285 -24.87 -18.97 -12.51
CA PRO A 285 -24.94 -19.63 -13.82
C PRO A 285 -23.58 -19.50 -14.52
N CYS A 286 -23.28 -20.47 -15.37
CA CYS A 286 -22.09 -20.50 -16.19
C CYS A 286 -22.55 -20.76 -17.61
N ILE A 287 -22.22 -19.90 -18.58
CA ILE A 287 -22.65 -20.08 -19.95
C ILE A 287 -21.46 -20.49 -20.79
N VAL A 288 -21.51 -21.68 -21.39
CA VAL A 288 -20.49 -22.15 -22.32
C VAL A 288 -21.05 -21.97 -23.74
N PHE A 289 -20.54 -20.99 -24.46
CA PHE A 289 -20.99 -20.73 -25.83
C PHE A 289 -20.31 -21.68 -26.83
N ASP A 290 -20.88 -21.83 -28.04
CA ASP A 290 -20.35 -22.67 -29.10
C ASP A 290 -18.92 -22.35 -29.48
N ASP A 291 -18.53 -21.07 -29.41
CA ASP A 291 -17.18 -20.67 -29.77
C ASP A 291 -16.23 -20.62 -28.56
N ALA A 292 -16.57 -21.28 -27.45
CA ALA A 292 -15.67 -21.35 -26.31
C ALA A 292 -14.46 -22.18 -26.68
N ASN A 293 -13.33 -21.91 -26.05
CA ASN A 293 -12.15 -22.77 -26.19
C ASN A 293 -12.48 -23.92 -25.24
N LEU A 294 -12.65 -25.11 -25.79
CA LEU A 294 -13.09 -26.27 -25.03
C LEU A 294 -12.24 -26.59 -23.81
N ASP A 295 -10.91 -26.63 -23.96
CA ASP A 295 -10.03 -26.94 -22.83
C ASP A 295 -10.17 -25.88 -21.73
N VAL A 296 -10.27 -24.60 -22.10
CA VAL A 296 -10.41 -23.51 -21.11
C VAL A 296 -11.74 -23.67 -20.38
N ALA A 297 -12.82 -23.96 -21.11
CA ALA A 297 -14.13 -24.15 -20.48
C ALA A 297 -14.11 -25.35 -19.54
N VAL A 298 -13.55 -26.50 -19.96
CA VAL A 298 -13.56 -27.70 -19.12
C VAL A 298 -12.76 -27.47 -17.85
N LYS A 299 -11.55 -26.94 -17.99
CA LYS A 299 -10.68 -26.66 -16.85
C LYS A 299 -11.32 -25.62 -15.91
N GLY A 300 -11.91 -24.60 -16.51
CA GLY A 300 -12.56 -23.52 -15.78
C GLY A 300 -13.76 -23.97 -14.99
N VAL A 301 -14.65 -24.73 -15.62
CA VAL A 301 -15.84 -25.22 -14.95
C VAL A 301 -15.44 -26.24 -13.85
N LEU A 302 -14.44 -27.09 -14.06
CA LEU A 302 -13.94 -28.03 -13.06
C LEU A 302 -13.49 -27.30 -11.81
N ALA A 303 -12.69 -26.24 -11.99
CA ALA A 303 -12.19 -25.45 -10.89
C ALA A 303 -13.31 -24.64 -10.22
N GLY A 304 -14.18 -24.02 -11.01
CA GLY A 304 -15.25 -23.17 -10.47
C GLY A 304 -16.35 -23.93 -9.75
N LYS A 305 -16.56 -25.19 -10.11
CA LYS A 305 -17.60 -25.99 -9.50
C LYS A 305 -17.10 -26.78 -8.29
N TYR A 306 -16.00 -27.51 -8.43
CA TYR A 306 -15.59 -28.47 -7.41
C TYR A 306 -14.62 -28.00 -6.38
N ARG A 307 -14.18 -26.74 -6.45
CA ARG A 307 -13.35 -26.17 -5.40
C ARG A 307 -14.12 -26.22 -4.05
N ASN A 308 -13.48 -26.68 -2.98
CA ASN A 308 -14.10 -26.84 -1.67
C ASN A 308 -15.32 -27.77 -1.75
N SER A 309 -15.26 -28.79 -2.63
CA SER A 309 -16.34 -29.71 -2.90
C SER A 309 -17.66 -28.99 -3.22
N GLY A 310 -17.58 -27.84 -3.88
CA GLY A 310 -18.73 -27.04 -4.27
C GLY A 310 -19.30 -26.15 -3.16
N GLN A 311 -18.63 -26.08 -2.01
CA GLN A 311 -19.07 -25.31 -0.86
C GLN A 311 -18.52 -23.86 -0.83
N THR A 312 -18.68 -23.11 -1.92
CA THR A 312 -18.31 -21.67 -2.00
C THR A 312 -19.52 -20.93 -2.57
N CYS A 313 -19.74 -19.66 -2.17
CA CYS A 313 -20.90 -18.96 -2.73
C CYS A 313 -20.64 -18.39 -4.09
N VAL A 314 -19.40 -18.41 -4.60
CA VAL A 314 -19.16 -18.10 -6.00
C VAL A 314 -19.13 -19.38 -6.88
N CYS A 315 -19.28 -20.61 -6.30
N CYS A 315 -19.35 -20.56 -6.30
CA CYS A 315 -19.24 -21.86 -7.05
CA CYS A 315 -19.34 -21.83 -7.00
C CYS A 315 -20.28 -21.86 -8.15
C CYS A 315 -20.31 -21.85 -8.15
N ILE A 316 -19.95 -22.50 -9.27
CA ILE A 316 -20.83 -22.67 -10.40
C ILE A 316 -21.96 -23.59 -9.93
N ASN A 317 -23.20 -23.14 -10.00
CA ASN A 317 -24.35 -23.94 -9.58
C ASN A 317 -25.09 -24.54 -10.76
N LYS A 318 -25.03 -23.92 -11.95
CA LYS A 318 -25.72 -24.43 -13.13
C LYS A 318 -24.98 -24.03 -14.38
N ILE A 319 -24.87 -24.95 -15.34
CA ILE A 319 -24.09 -24.71 -16.54
C ILE A 319 -24.98 -24.77 -17.75
N PHE A 320 -25.05 -23.70 -18.51
CA PHE A 320 -25.83 -23.62 -19.74
C PHE A 320 -24.86 -23.86 -20.86
N VAL A 321 -25.09 -24.88 -21.70
CA VAL A 321 -24.15 -25.24 -22.75
C VAL A 321 -24.86 -25.14 -24.09
N GLN A 322 -24.26 -24.40 -25.02
CA GLN A 322 -24.87 -24.18 -26.31
C GLN A 322 -24.90 -25.45 -27.13
N ASP A 323 -25.97 -25.60 -27.92
CA ASP A 323 -26.26 -26.81 -28.69
C ASP A 323 -25.09 -27.40 -29.49
N GLY A 324 -24.35 -26.56 -30.21
CA GLY A 324 -23.25 -27.04 -31.03
C GLY A 324 -22.07 -27.63 -30.27
N ILE A 325 -21.82 -27.19 -29.01
CA ILE A 325 -20.67 -27.71 -28.23
C ILE A 325 -21.11 -28.69 -27.12
N TYR A 326 -22.42 -28.92 -26.92
CA TYR A 326 -22.89 -29.74 -25.82
C TYR A 326 -22.23 -31.13 -25.67
N ASP A 327 -22.24 -31.96 -26.74
CA ASP A 327 -21.70 -33.31 -26.63
C ASP A 327 -20.20 -33.34 -26.33
N LYS A 328 -19.44 -32.48 -27.00
CA LYS A 328 -18.00 -32.41 -26.79
C LYS A 328 -17.69 -31.95 -25.37
N PHE A 329 -18.44 -30.94 -24.88
CA PHE A 329 -18.23 -30.44 -23.53
C PHE A 329 -18.59 -31.50 -22.49
N ALA A 330 -19.77 -32.14 -22.59
CA ALA A 330 -20.19 -33.14 -21.62
C ALA A 330 -19.19 -34.30 -21.52
N GLU A 331 -18.68 -34.76 -22.65
CA GLU A 331 -17.70 -35.85 -22.69
C GLU A 331 -16.37 -35.44 -22.02
N ALA A 332 -15.80 -34.31 -22.40
CA ALA A 332 -14.53 -33.86 -21.81
C ALA A 332 -14.68 -33.46 -20.35
N PHE A 333 -15.84 -32.88 -19.98
CA PHE A 333 -16.09 -32.47 -18.60
C PHE A 333 -16.21 -33.70 -17.72
N ALA A 334 -16.92 -34.75 -18.18
CA ALA A 334 -17.03 -36.00 -17.41
C ALA A 334 -15.64 -36.62 -17.16
N LYS A 335 -14.78 -36.60 -18.17
CA LYS A 335 -13.43 -37.14 -18.03
C LYS A 335 -12.63 -36.36 -17.00
N ALA A 336 -12.74 -35.04 -17.03
CA ALA A 336 -12.08 -34.18 -16.05
C ALA A 336 -12.57 -34.45 -14.62
N VAL A 337 -13.92 -34.55 -14.41
CA VAL A 337 -14.51 -34.77 -13.10
C VAL A 337 -14.11 -36.17 -12.56
N SER A 338 -13.94 -37.17 -13.45
CA SER A 338 -13.56 -38.51 -13.00
C SER A 338 -12.17 -38.58 -12.37
N GLY A 339 -11.31 -37.59 -12.62
CA GLY A 339 -9.99 -37.55 -11.99
C GLY A 339 -9.99 -37.06 -10.54
N LEU A 340 -11.10 -36.48 -10.05
CA LEU A 340 -11.14 -35.98 -8.66
C LEU A 340 -11.11 -37.13 -7.65
N ARG A 341 -10.51 -36.91 -6.48
CA ARG A 341 -10.33 -37.98 -5.49
C ARG A 341 -10.71 -37.50 -4.12
N ALA A 342 -11.67 -38.18 -3.49
CA ALA A 342 -12.19 -37.82 -2.19
C ALA A 342 -11.47 -38.49 -1.06
N GLY A 343 -11.40 -37.79 0.07
CA GLY A 343 -10.76 -38.33 1.25
C GLY A 343 -10.37 -37.27 2.26
N ASN A 344 -9.58 -37.71 3.23
CA ASN A 344 -9.10 -36.84 4.31
C ASN A 344 -8.15 -35.81 3.71
N GLY A 345 -8.39 -34.53 4.00
CA GLY A 345 -7.60 -33.43 3.45
C GLY A 345 -6.14 -33.38 3.82
N LEU A 346 -5.75 -34.08 4.88
CA LEU A 346 -4.34 -34.19 5.27
C LEU A 346 -3.61 -35.30 4.51
N GLU A 347 -4.30 -36.09 3.64
CA GLU A 347 -3.66 -37.11 2.85
C GLU A 347 -3.27 -36.49 1.52
N PRO A 348 -1.97 -36.56 1.08
CA PRO A 348 -1.63 -35.97 -0.23
C PRO A 348 -2.37 -36.64 -1.39
N GLY A 349 -2.65 -35.87 -2.43
CA GLY A 349 -3.36 -36.42 -3.60
C GLY A 349 -4.87 -36.29 -3.53
N ILE A 350 -5.43 -35.99 -2.36
CA ILE A 350 -6.88 -35.82 -2.20
C ILE A 350 -7.24 -34.43 -2.74
N THR A 351 -8.29 -34.35 -3.57
CA THR A 351 -8.80 -33.09 -4.15
C THR A 351 -10.28 -32.79 -3.81
N GLN A 352 -10.94 -33.65 -3.02
CA GLN A 352 -12.30 -33.40 -2.56
C GLN A 352 -12.39 -33.79 -1.08
N GLY A 353 -12.80 -32.85 -0.25
CA GLY A 353 -13.02 -33.10 1.17
C GLY A 353 -14.48 -33.45 1.44
N PRO A 354 -14.82 -33.75 2.69
CA PRO A 354 -16.21 -34.06 3.01
C PRO A 354 -17.09 -32.83 3.10
N LEU A 355 -18.40 -33.02 2.97
CA LEU A 355 -19.34 -31.92 3.18
C LEU A 355 -19.37 -31.65 4.68
N ILE A 356 -19.61 -30.40 5.07
CA ILE A 356 -19.44 -29.96 6.45
C ILE A 356 -20.22 -30.78 7.48
N ASN A 357 -21.42 -31.24 7.15
CA ASN A 357 -22.24 -32.00 8.10
C ASN A 357 -23.37 -32.74 7.38
N GLU A 358 -24.18 -33.50 8.15
CA GLU A 358 -25.27 -34.30 7.58
C GLU A 358 -26.35 -33.45 6.92
N THR A 359 -26.62 -32.23 7.41
CA THR A 359 -27.63 -31.34 6.80
C THR A 359 -27.19 -30.99 5.37
N ALA A 360 -25.90 -30.66 5.19
CA ALA A 360 -25.35 -30.36 3.87
C ALA A 360 -25.49 -31.57 2.94
N LEU A 361 -25.18 -32.79 3.43
CA LEU A 361 -25.29 -34.00 2.64
C LEU A 361 -26.74 -34.26 2.23
N GLU A 362 -27.68 -34.07 3.16
CA GLU A 362 -29.10 -34.29 2.88
C GLU A 362 -29.58 -33.31 1.81
N LYS A 363 -29.13 -32.05 1.84
CA LYS A 363 -29.51 -31.07 0.83
C LYS A 363 -28.98 -31.52 -0.55
N VAL A 364 -27.73 -32.00 -0.63
CA VAL A 364 -27.16 -32.49 -1.88
C VAL A 364 -27.99 -33.64 -2.43
N GLU A 365 -28.32 -34.61 -1.56
CA GLU A 365 -29.13 -35.76 -1.97
C GLU A 365 -30.55 -35.34 -2.40
N ARG A 366 -31.13 -34.33 -1.77
CA ARG A 366 -32.44 -33.79 -2.12
C ARG A 366 -32.40 -33.17 -3.53
N HIS A 367 -31.34 -32.40 -3.84
CA HIS A 367 -31.19 -31.81 -5.17
C HIS A 367 -30.98 -32.88 -6.26
N VAL A 368 -30.19 -33.92 -5.99
CA VAL A 368 -29.94 -34.97 -6.97
C VAL A 368 -31.21 -35.78 -7.23
N GLN A 369 -31.94 -36.17 -6.16
CA GLN A 369 -33.18 -36.93 -6.32
C GLN A 369 -34.22 -36.11 -7.08
N ASP A 370 -34.38 -34.82 -6.76
CA ASP A 370 -35.34 -33.97 -7.45
C ASP A 370 -35.00 -33.88 -8.94
N ALA A 371 -33.73 -33.67 -9.28
CA ALA A 371 -33.31 -33.59 -10.67
C ALA A 371 -33.62 -34.91 -11.41
N VAL A 372 -33.22 -36.05 -10.85
CA VAL A 372 -33.46 -37.34 -11.49
C VAL A 372 -34.99 -37.63 -11.65
N SER A 373 -35.81 -37.25 -10.67
CA SER A 373 -37.27 -37.43 -10.77
C SER A 373 -37.90 -36.56 -11.89
N LYS A 374 -37.23 -35.46 -12.28
CA LYS A 374 -37.72 -34.57 -13.34
C LYS A 374 -36.99 -34.76 -14.69
N GLY A 375 -36.31 -35.89 -14.87
CA GLY A 375 -35.67 -36.24 -16.13
C GLY A 375 -34.16 -36.09 -16.26
N ALA A 376 -33.44 -35.64 -15.21
CA ALA A 376 -31.98 -35.47 -15.33
C ALA A 376 -31.29 -36.82 -15.48
N LYS A 377 -30.20 -36.85 -16.25
CA LYS A 377 -29.41 -38.05 -16.51
C LYS A 377 -28.11 -37.96 -15.73
N VAL A 378 -27.81 -38.96 -14.90
CA VAL A 378 -26.57 -38.97 -14.12
C VAL A 378 -25.46 -39.41 -15.05
N LEU A 379 -24.52 -38.51 -15.39
CA LEU A 379 -23.39 -38.85 -16.26
C LEU A 379 -22.18 -39.36 -15.48
N VAL A 380 -21.99 -38.85 -14.25
CA VAL A 380 -20.92 -39.26 -13.33
C VAL A 380 -21.47 -39.13 -11.89
N GLY A 381 -21.04 -39.98 -10.97
CA GLY A 381 -21.41 -39.93 -9.56
C GLY A 381 -22.88 -40.18 -9.26
N GLY A 382 -23.50 -39.25 -8.54
CA GLY A 382 -24.90 -39.32 -8.19
C GLY A 382 -25.23 -40.14 -6.96
N LYS A 383 -24.24 -40.38 -6.11
CA LYS A 383 -24.47 -41.11 -4.86
C LYS A 383 -23.42 -40.77 -3.82
N ARG A 384 -23.69 -41.17 -2.56
CA ARG A 384 -22.75 -41.03 -1.45
C ARG A 384 -21.48 -41.79 -1.78
N HIS A 385 -20.34 -41.21 -1.44
CA HIS A 385 -19.05 -41.84 -1.70
C HIS A 385 -18.89 -43.08 -0.80
N SER A 386 -18.11 -44.06 -1.27
CA SER A 386 -17.84 -45.29 -0.51
C SER A 386 -17.17 -45.02 0.85
N LEU A 387 -16.54 -43.84 1.04
CA LEU A 387 -15.96 -43.50 2.33
C LEU A 387 -16.99 -43.25 3.43
N GLY A 388 -18.25 -43.04 3.07
CA GLY A 388 -19.27 -42.79 4.06
C GLY A 388 -19.16 -41.40 4.63
N ARG A 389 -19.68 -41.22 5.86
CA ARG A 389 -19.76 -39.93 6.55
C ARG A 389 -20.50 -38.93 5.63
N THR A 390 -19.94 -37.74 5.37
CA THR A 390 -20.55 -36.75 4.52
C THR A 390 -19.80 -36.57 3.20
N PHE A 391 -19.08 -37.59 2.73
CA PHE A 391 -18.39 -37.54 1.44
C PHE A 391 -19.40 -37.87 0.34
N TYR A 392 -19.48 -37.05 -0.71
CA TYR A 392 -20.39 -37.27 -1.82
C TYR A 392 -19.59 -37.34 -3.11
N GLU A 393 -19.98 -38.25 -4.01
CA GLU A 393 -19.25 -38.42 -5.25
C GLU A 393 -19.40 -37.17 -6.15
N PRO A 394 -18.30 -36.61 -6.70
CA PRO A 394 -18.45 -35.55 -7.72
C PRO A 394 -19.40 -35.99 -8.84
N THR A 395 -20.44 -35.21 -9.07
CA THR A 395 -21.54 -35.56 -9.95
C THR A 395 -21.77 -34.57 -11.07
N ILE A 396 -22.24 -35.11 -12.20
CA ILE A 396 -22.68 -34.33 -13.34
C ILE A 396 -24.06 -34.84 -13.68
N LEU A 397 -25.01 -33.93 -13.85
CA LEU A 397 -26.37 -34.25 -14.25
C LEU A 397 -26.65 -33.59 -15.60
N GLY A 398 -26.80 -34.40 -16.64
CA GLY A 398 -27.17 -33.92 -17.95
C GLY A 398 -28.67 -33.75 -18.04
N ASN A 399 -29.12 -33.06 -19.10
CA ASN A 399 -30.55 -32.86 -19.34
C ASN A 399 -31.26 -32.21 -18.16
N ALA A 400 -30.63 -31.19 -17.54
CA ALA A 400 -31.25 -30.46 -16.44
C ALA A 400 -32.24 -29.39 -17.01
N SER A 401 -33.14 -28.88 -16.17
CA SER A 401 -34.12 -27.88 -16.61
C SER A 401 -34.47 -26.87 -15.51
N ASP A 402 -35.14 -25.76 -15.90
CA ASP A 402 -35.51 -24.68 -14.98
C ASP A 402 -36.60 -25.03 -13.97
N GLU A 403 -37.17 -26.22 -14.02
CA GLU A 403 -38.14 -26.66 -13.01
C GLU A 403 -37.46 -27.40 -11.84
N MET A 404 -36.15 -27.72 -11.96
CA MET A 404 -35.46 -28.50 -10.95
C MET A 404 -34.99 -27.66 -9.79
N LEU A 405 -34.97 -28.25 -8.60
CA LEU A 405 -34.53 -27.58 -7.37
C LEU A 405 -33.12 -27.07 -7.50
N ILE A 406 -32.22 -27.87 -8.12
CA ILE A 406 -30.82 -27.46 -8.32
C ILE A 406 -30.70 -26.20 -9.21
N PHE A 407 -31.65 -25.98 -10.10
CA PHE A 407 -31.68 -24.78 -10.93
C PHE A 407 -32.16 -23.56 -10.13
N ARG A 408 -33.12 -23.77 -9.24
CA ARG A 408 -33.72 -22.68 -8.49
C ARG A 408 -32.98 -22.31 -7.22
N GLU A 409 -32.27 -23.26 -6.60
CA GLU A 409 -31.63 -23.05 -5.32
C GLU A 409 -30.15 -23.48 -5.27
N GLU A 410 -29.42 -22.90 -4.34
CA GLU A 410 -27.98 -23.13 -4.15
C GLU A 410 -27.74 -24.53 -3.60
N VAL A 411 -27.02 -25.40 -4.34
CA VAL A 411 -26.78 -26.79 -3.89
C VAL A 411 -25.68 -26.88 -2.85
N PHE A 412 -24.65 -26.05 -2.94
CA PHE A 412 -23.52 -26.05 -1.99
C PHE A 412 -22.92 -27.48 -1.82
N GLY A 413 -22.66 -28.10 -2.97
CA GLY A 413 -22.16 -29.47 -3.06
C GLY A 413 -21.60 -29.79 -4.43
N PRO A 414 -20.93 -30.95 -4.59
CA PRO A 414 -20.22 -31.24 -5.84
C PRO A 414 -21.10 -31.82 -6.92
N VAL A 415 -22.14 -31.06 -7.33
CA VAL A 415 -23.12 -31.49 -8.32
C VAL A 415 -23.20 -30.43 -9.39
N ALA A 416 -22.97 -30.82 -10.66
CA ALA A 416 -22.95 -29.91 -11.80
C ALA A 416 -24.06 -30.24 -12.79
N PRO A 417 -25.17 -29.47 -12.83
CA PRO A 417 -26.21 -29.72 -13.83
C PRO A 417 -25.97 -28.99 -15.14
N LEU A 418 -26.23 -29.65 -16.27
CA LEU A 418 -26.02 -29.10 -17.61
C LEU A 418 -27.37 -28.86 -18.27
N VAL A 419 -27.58 -27.65 -18.75
CA VAL A 419 -28.79 -27.21 -19.41
C VAL A 419 -28.42 -26.86 -20.83
N ARG A 420 -29.01 -27.51 -21.80
CA ARG A 420 -28.78 -27.22 -23.21
C ARG A 420 -29.57 -25.96 -23.61
N PHE A 421 -28.99 -25.11 -24.48
CA PHE A 421 -29.67 -23.92 -24.97
C PHE A 421 -29.30 -23.70 -26.45
N ASN A 422 -30.11 -22.90 -27.14
CA ASN A 422 -29.89 -22.63 -28.56
CA ASN A 422 -29.92 -22.62 -28.56
C ASN A 422 -29.26 -21.24 -28.83
N THR A 423 -29.89 -20.12 -28.41
CA THR A 423 -29.37 -18.79 -28.69
C THR A 423 -28.70 -18.09 -27.51
N ASP A 424 -27.81 -17.14 -27.80
CA ASP A 424 -27.16 -16.33 -26.78
C ASP A 424 -28.18 -15.59 -25.92
N GLU A 425 -29.19 -14.98 -26.55
CA GLU A 425 -30.19 -14.21 -25.83
C GLU A 425 -30.99 -15.10 -24.85
N GLU A 426 -31.31 -16.32 -25.27
CA GLU A 426 -32.01 -17.30 -24.41
C GLU A 426 -31.19 -17.57 -23.13
N ALA A 427 -29.89 -17.89 -23.27
CA ALA A 427 -29.04 -18.17 -22.13
C ALA A 427 -28.89 -16.98 -21.19
N ILE A 428 -28.76 -15.77 -21.75
CA ILE A 428 -28.58 -14.57 -20.91
C ILE A 428 -29.86 -14.27 -20.12
N LYS A 429 -31.02 -14.32 -20.78
CA LYS A 429 -32.29 -14.05 -20.10
C LYS A 429 -32.55 -15.10 -19.01
N LEU A 430 -32.19 -16.35 -19.27
CA LEU A 430 -32.33 -17.44 -18.31
C LEU A 430 -31.37 -17.21 -17.13
N ALA A 431 -30.12 -16.81 -17.40
CA ALA A 431 -29.14 -16.49 -16.35
C ALA A 431 -29.62 -15.35 -15.43
N ASN A 432 -30.27 -14.32 -16.01
CA ASN A 432 -30.74 -13.13 -15.27
C ASN A 432 -32.14 -13.28 -14.64
N ASN A 433 -32.80 -14.42 -14.80
CA ASN A 433 -34.17 -14.60 -14.31
C ASN A 433 -34.31 -15.02 -12.85
N SER A 434 -33.42 -14.58 -11.97
CA SER A 434 -33.51 -14.93 -10.56
C SER A 434 -33.26 -13.71 -9.69
N GLU A 435 -33.49 -13.88 -8.38
CA GLU A 435 -33.21 -12.87 -7.38
C GLU A 435 -31.76 -12.96 -6.84
N PHE A 436 -30.97 -13.92 -7.30
CA PHE A 436 -29.58 -14.02 -6.94
C PHE A 436 -28.79 -13.07 -7.89
N GLY A 437 -27.62 -12.64 -7.44
CA GLY A 437 -26.77 -11.74 -8.20
C GLY A 437 -25.36 -11.68 -7.68
N LEU A 438 -24.80 -12.81 -7.22
CA LEU A 438 -23.45 -12.84 -6.69
C LEU A 438 -22.46 -13.09 -7.85
N ALA A 439 -22.13 -14.34 -8.23
CA ALA A 439 -21.19 -14.60 -9.33
C ALA A 439 -21.91 -15.24 -10.53
N ALA A 440 -21.33 -15.08 -11.71
CA ALA A 440 -21.73 -15.71 -12.96
C ALA A 440 -20.50 -15.90 -13.81
N TYR A 441 -20.54 -16.82 -14.78
CA TYR A 441 -19.39 -17.15 -15.61
C TYR A 441 -19.82 -17.29 -17.05
N ALA A 442 -18.89 -17.04 -17.97
CA ALA A 442 -19.13 -17.19 -19.39
C ALA A 442 -17.85 -17.59 -20.08
N PHE A 443 -17.97 -18.46 -21.09
CA PHE A 443 -16.84 -18.92 -21.88
C PHE A 443 -17.14 -18.71 -23.35
N THR A 444 -16.38 -17.80 -23.97
CA THR A 444 -16.45 -17.49 -25.39
C THR A 444 -15.11 -16.92 -25.85
N GLU A 445 -14.69 -17.25 -27.08
CA GLU A 445 -13.45 -16.67 -27.65
C GLU A 445 -13.70 -15.34 -28.35
N ASN A 446 -14.96 -14.94 -28.57
CA ASN A 446 -15.28 -13.74 -29.33
C ASN A 446 -15.30 -12.49 -28.47
N ILE A 447 -14.57 -11.45 -28.91
CA ILE A 447 -14.46 -10.19 -28.18
C ILE A 447 -15.81 -9.48 -27.96
N THR A 448 -16.63 -9.36 -29.01
CA THR A 448 -17.94 -8.70 -28.92
C THR A 448 -18.88 -9.50 -28.00
N ARG A 449 -18.97 -10.82 -28.20
CA ARG A 449 -19.83 -11.66 -27.38
C ARG A 449 -19.38 -11.64 -25.92
N GLY A 450 -18.07 -11.71 -25.66
CA GLY A 450 -17.54 -11.72 -24.31
C GLY A 450 -17.87 -10.44 -23.54
N TRP A 451 -17.64 -9.29 -24.16
CA TRP A 451 -17.94 -8.02 -23.52
C TRP A 451 -19.45 -7.88 -23.34
N ARG A 452 -20.24 -8.23 -24.35
CA ARG A 452 -21.71 -8.16 -24.26
C ARG A 452 -22.26 -9.00 -23.12
N VAL A 453 -21.81 -10.26 -22.98
CA VAL A 453 -22.30 -11.13 -21.92
C VAL A 453 -21.88 -10.57 -20.56
N ALA A 454 -20.64 -10.05 -20.43
CA ALA A 454 -20.19 -9.49 -19.16
C ALA A 454 -21.06 -8.29 -18.75
N GLU A 455 -21.40 -7.43 -19.70
CA GLU A 455 -22.25 -6.28 -19.41
C GLU A 455 -23.68 -6.67 -19.13
N SER A 456 -24.21 -7.69 -19.81
CA SER A 456 -25.59 -8.10 -19.67
C SER A 456 -25.91 -8.88 -18.42
N LEU A 457 -24.94 -9.61 -17.85
CA LEU A 457 -25.18 -10.44 -16.69
C LEU A 457 -25.39 -9.59 -15.45
N GLU A 458 -26.51 -9.79 -14.76
CA GLU A 458 -26.91 -9.00 -13.60
C GLU A 458 -26.35 -9.61 -12.34
N PHE A 459 -25.02 -9.64 -12.26
CA PHE A 459 -24.29 -10.26 -11.15
C PHE A 459 -23.16 -9.34 -10.73
N GLY A 460 -22.80 -9.40 -9.46
CA GLY A 460 -21.73 -8.57 -8.92
C GLY A 460 -20.35 -8.95 -9.40
N MET A 461 -20.19 -10.21 -9.86
CA MET A 461 -18.92 -10.71 -10.37
C MET A 461 -19.15 -11.61 -11.54
N VAL A 462 -18.30 -11.48 -12.56
CA VAL A 462 -18.37 -12.28 -13.77
C VAL A 462 -16.98 -12.79 -14.12
N GLY A 463 -16.87 -14.10 -14.26
CA GLY A 463 -15.65 -14.72 -14.76
C GLY A 463 -15.82 -14.93 -16.24
N LEU A 464 -14.98 -14.33 -17.07
CA LEU A 464 -15.02 -14.47 -18.53
C LEU A 464 -13.79 -15.28 -18.94
N ASN A 465 -14.01 -16.53 -19.35
CA ASN A 465 -12.94 -17.51 -19.66
C ASN A 465 -12.10 -17.75 -18.41
N GLU A 466 -12.73 -17.75 -17.24
CA GLU A 466 -12.05 -17.92 -15.96
C GLU A 466 -12.99 -18.56 -14.97
N GLY A 467 -12.55 -19.61 -14.32
CA GLY A 467 -13.32 -20.30 -13.29
C GLY A 467 -12.95 -19.92 -11.88
N LEU A 468 -11.76 -19.31 -11.66
CA LEU A 468 -11.29 -18.90 -10.32
C LEU A 468 -11.07 -17.38 -10.31
N ILE A 469 -12.03 -16.66 -9.77
CA ILE A 469 -12.02 -15.20 -9.80
C ILE A 469 -11.63 -14.53 -8.49
N SER A 470 -11.57 -15.27 -7.37
CA SER A 470 -11.28 -14.69 -6.06
C SER A 470 -9.93 -14.01 -5.98
N THR A 471 -9.92 -12.79 -5.43
CA THR A 471 -8.72 -11.97 -5.20
C THR A 471 -9.05 -10.83 -4.22
N GLU A 472 -8.08 -10.42 -3.40
CA GLU A 472 -8.27 -9.31 -2.48
C GLU A 472 -8.31 -7.94 -3.15
N VAL A 473 -7.84 -7.83 -4.40
CA VAL A 473 -7.72 -6.56 -5.08
C VAL A 473 -9.00 -6.10 -5.80
N ALA A 474 -10.01 -6.95 -5.91
CA ALA A 474 -11.22 -6.64 -6.63
C ALA A 474 -12.43 -6.63 -5.73
N PRO A 475 -13.48 -5.83 -6.06
CA PRO A 475 -14.66 -5.80 -5.19
C PRO A 475 -15.57 -7.00 -5.34
N PHE A 476 -15.81 -7.69 -4.25
CA PHE A 476 -16.62 -8.89 -4.19
C PHE A 476 -17.91 -8.60 -3.45
N GLY A 477 -19.02 -9.01 -4.05
CA GLY A 477 -20.34 -8.86 -3.45
C GLY A 477 -21.43 -9.01 -4.46
N GLY A 478 -22.64 -8.93 -3.97
CA GLY A 478 -23.82 -9.21 -4.78
C GLY A 478 -24.78 -8.08 -5.06
N MET A 479 -25.50 -8.27 -6.16
CA MET A 479 -26.61 -7.45 -6.60
C MET A 479 -27.89 -8.17 -6.15
N LYS A 480 -29.05 -7.50 -6.28
CA LYS A 480 -30.35 -8.05 -5.98
C LYS A 480 -30.39 -8.61 -4.55
N GLN A 481 -30.84 -9.86 -4.30
CA GLN A 481 -30.90 -10.39 -2.96
C GLN A 481 -29.62 -11.13 -2.52
N SER A 482 -28.50 -10.96 -3.27
CA SER A 482 -27.25 -11.58 -2.88
C SER A 482 -26.34 -10.74 -1.98
N GLY A 483 -26.73 -9.51 -1.66
CA GLY A 483 -25.94 -8.71 -0.75
C GLY A 483 -26.01 -7.22 -0.88
N LEU A 484 -25.26 -6.56 0.00
CA LEU A 484 -25.08 -5.11 0.08
C LEU A 484 -23.61 -4.86 0.37
N GLY A 485 -23.01 -3.90 -0.30
CA GLY A 485 -21.61 -3.56 -0.07
C GLY A 485 -20.64 -4.50 -0.77
N ARG A 486 -19.35 -4.16 -0.67
CA ARG A 486 -18.32 -4.95 -1.31
C ARG A 486 -17.16 -5.18 -0.37
N GLU A 487 -16.44 -6.29 -0.59
CA GLU A 487 -15.27 -6.67 0.18
C GLU A 487 -14.11 -6.84 -0.77
N GLY A 488 -12.93 -6.39 -0.35
CA GLY A 488 -11.78 -6.39 -1.24
C GLY A 488 -11.75 -5.08 -2.02
N SER A 489 -10.60 -4.76 -2.59
CA SER A 489 -10.36 -3.55 -3.38
C SER A 489 -10.34 -2.26 -2.53
N LYS A 490 -10.02 -1.14 -3.15
CA LYS A 490 -10.11 0.16 -2.48
C LYS A 490 -11.53 0.42 -1.95
N TYR A 491 -12.55 -0.06 -2.65
CA TYR A 491 -13.93 0.15 -2.24
C TYR A 491 -14.30 -0.56 -0.96
N GLY A 492 -13.62 -1.64 -0.61
CA GLY A 492 -13.91 -2.35 0.61
C GLY A 492 -13.74 -1.53 1.87
N LEU A 493 -12.83 -0.57 1.86
CA LEU A 493 -12.56 0.25 3.04
C LEU A 493 -13.67 1.26 3.29
N ASP A 494 -14.36 1.74 2.24
CA ASP A 494 -15.45 2.73 2.37
C ASP A 494 -16.61 2.27 3.22
N GLU A 495 -16.81 0.96 3.30
CA GLU A 495 -17.86 0.38 4.10
C GLU A 495 -17.65 0.69 5.58
N TYR A 496 -16.39 0.89 6.02
CA TYR A 496 -16.01 1.14 7.39
C TYR A 496 -15.74 2.61 7.75
N LEU A 497 -16.09 3.53 6.86
CA LEU A 497 -15.86 4.94 7.01
C LEU A 497 -17.16 5.71 6.91
N GLU A 498 -17.18 6.87 7.56
CA GLU A 498 -18.23 7.86 7.49
C GLU A 498 -17.61 9.10 6.84
N MET A 499 -18.29 9.69 5.86
CA MET A 499 -17.86 10.93 5.26
C MET A 499 -18.33 12.11 6.09
N LYS A 500 -17.56 13.18 6.09
CA LYS A 500 -17.86 14.41 6.78
C LYS A 500 -17.51 15.56 5.86
N TYR A 501 -18.49 16.39 5.56
CA TYR A 501 -18.32 17.60 4.77
C TYR A 501 -18.07 18.72 5.75
N VAL A 502 -16.98 19.47 5.57
CA VAL A 502 -16.67 20.63 6.41
C VAL A 502 -16.70 21.84 5.51
N CYS A 503 -17.51 22.82 5.86
CA CYS A 503 -17.62 24.06 5.10
C CYS A 503 -17.05 25.20 5.91
N LEU A 504 -15.95 25.80 5.43
CA LEU A 504 -15.32 26.94 6.08
C LEU A 504 -15.91 28.21 5.47
N GLY A 505 -16.40 29.10 6.31
CA GLY A 505 -16.96 30.37 5.86
C GLY A 505 -16.07 31.55 6.16
N ASN A 506 -16.56 32.75 5.79
CA ASN A 506 -15.86 34.02 5.95
C ASN A 506 -14.42 33.96 5.39
N MET A 507 -14.27 33.29 4.26
CA MET A 507 -12.97 33.12 3.62
C MET A 507 -12.69 34.29 2.68
N ALA A 508 -11.41 34.67 2.60
CA ALA A 508 -10.95 35.83 1.86
C ALA A 508 -10.55 35.47 0.43
N GLN A 509 -10.54 36.46 -0.46
CA GLN A 509 -10.09 36.24 -1.82
C GLN A 509 -8.56 36.16 -1.83
N PRO A 510 -7.92 35.30 -2.65
CA PRO A 510 -6.44 35.33 -2.73
C PRO A 510 -5.92 36.67 -3.22
N VAL A 511 -4.68 37.01 -2.85
CA VAL A 511 -4.02 38.25 -3.23
C VAL A 511 -3.44 38.09 -4.64
N GLY A 512 -3.75 39.06 -5.50
CA GLY A 512 -3.35 39.19 -6.92
C GLY A 512 -2.66 38.02 -7.58
N SER B 11 57.95 4.09 17.29
CA SER B 11 56.64 3.63 17.78
C SER B 11 56.03 2.54 16.88
N SER B 12 55.13 1.72 17.45
CA SER B 12 54.44 0.65 16.75
C SER B 12 52.95 0.85 16.92
N GLY B 13 52.20 0.55 15.87
CA GLY B 13 50.75 0.69 15.92
C GLY B 13 50.14 1.14 14.62
N LEU B 14 48.81 1.04 14.56
CA LEU B 14 48.02 1.42 13.41
C LEU B 14 48.14 2.91 13.14
N VAL B 15 48.56 3.29 11.92
CA VAL B 15 48.57 4.69 11.48
C VAL B 15 47.48 4.81 10.41
N PRO B 16 46.25 5.18 10.80
CA PRO B 16 45.19 5.30 9.80
C PRO B 16 45.34 6.56 8.94
N ARG B 17 44.89 6.51 7.70
CA ARG B 17 44.88 7.67 6.83
C ARG B 17 43.72 8.60 7.23
N GLY B 18 42.58 8.03 7.67
CA GLY B 18 41.41 8.76 8.11
C GLY B 18 41.15 8.76 9.61
N SER B 19 40.31 9.68 10.06
CA SER B 19 39.95 9.89 11.45
C SER B 19 38.85 9.01 11.95
N HIS B 20 38.13 8.31 11.08
CA HIS B 20 36.99 7.51 11.49
C HIS B 20 37.12 6.12 10.89
N MET B 21 38.30 5.51 11.07
CA MET B 21 38.56 4.19 10.54
C MET B 21 37.62 3.16 11.15
N GLY B 22 37.30 3.26 12.44
CA GLY B 22 36.38 2.32 13.08
C GLY B 22 35.01 2.27 12.43
N THR B 23 34.50 3.45 12.06
CA THR B 23 33.21 3.57 11.39
C THR B 23 33.31 3.03 9.97
N MET B 24 34.42 3.29 9.26
CA MET B 24 34.60 2.79 7.89
C MET B 24 34.71 1.28 7.90
N VAL B 25 35.44 0.71 8.89
CA VAL B 25 35.63 -0.73 9.02
C VAL B 25 34.26 -1.37 9.26
N GLN B 26 33.44 -0.82 10.18
CA GLN B 26 32.11 -1.38 10.41
C GLN B 26 31.25 -1.33 9.14
N LEU B 27 31.26 -0.20 8.43
CA LEU B 27 30.53 -0.09 7.16
C LEU B 27 30.97 -1.15 6.16
N ASN B 28 32.29 -1.37 6.06
CA ASN B 28 32.86 -2.36 5.15
C ASN B 28 32.50 -3.79 5.58
N GLU B 29 32.54 -4.07 6.87
CA GLU B 29 32.17 -5.39 7.42
C GLU B 29 30.69 -5.67 7.07
N ALA B 30 29.81 -4.65 7.15
CA ALA B 30 28.39 -4.78 6.79
C ALA B 30 28.15 -4.86 5.27
N GLY B 31 29.19 -4.77 4.44
CA GLY B 31 29.05 -4.82 3.00
C GLY B 31 28.52 -3.56 2.36
N LEU B 32 28.67 -2.41 3.03
CA LEU B 32 28.12 -1.14 2.56
C LEU B 32 29.14 -0.13 2.05
N PHE B 33 30.42 -0.49 1.99
CA PHE B 33 31.44 0.44 1.52
C PHE B 33 31.88 -0.03 0.14
N LYS B 34 31.62 0.78 -0.88
CA LYS B 34 31.87 0.45 -2.26
C LYS B 34 32.75 1.49 -2.92
N SER B 35 33.68 1.04 -3.73
CA SER B 35 34.66 1.85 -4.45
C SER B 35 34.58 1.60 -5.99
N GLN B 36 33.45 1.03 -6.47
CA GLN B 36 33.20 0.74 -7.87
C GLN B 36 31.77 1.10 -8.22
N GLY B 37 31.52 1.33 -9.51
CA GLY B 37 30.18 1.56 -10.01
C GLY B 37 29.49 0.22 -10.27
N LEU B 38 28.24 0.25 -10.70
CA LEU B 38 27.45 -0.95 -10.95
C LEU B 38 26.85 -0.88 -12.32
N ILE B 39 27.20 -1.82 -13.21
CA ILE B 39 26.66 -1.85 -14.56
C ILE B 39 26.23 -3.28 -14.79
N GLY B 40 24.93 -3.50 -14.92
CA GLY B 40 24.41 -4.86 -15.08
C GLY B 40 24.77 -5.77 -13.94
N ASP B 41 25.33 -6.95 -14.26
CA ASP B 41 25.69 -7.91 -13.22
C ASP B 41 27.10 -7.77 -12.69
N LYS B 42 27.74 -6.61 -12.88
CA LYS B 42 29.09 -6.41 -12.42
C LYS B 42 29.31 -5.08 -11.72
N TRP B 43 30.14 -5.12 -10.68
CA TRP B 43 30.69 -3.95 -10.02
C TRP B 43 31.93 -3.65 -10.84
N VAL B 44 32.08 -2.43 -11.37
CA VAL B 44 33.12 -2.09 -12.30
C VAL B 44 33.92 -0.84 -11.95
N ASP B 45 35.14 -0.79 -12.49
CA ASP B 45 36.00 0.36 -12.51
C ASP B 45 35.69 1.10 -13.84
N ALA B 46 36.26 2.28 -14.04
CA ALA B 46 36.17 2.98 -15.31
C ALA B 46 37.01 2.17 -16.32
N GLU B 47 36.74 2.33 -17.60
CA GLU B 47 37.43 1.57 -18.63
C GLU B 47 38.95 1.79 -18.64
N ASN B 48 39.40 2.97 -18.26
CA ASN B 48 40.83 3.27 -18.17
C ASN B 48 41.38 3.21 -16.72
N GLY B 49 40.59 2.75 -15.77
CA GLY B 49 41.02 2.67 -14.38
C GLY B 49 41.16 3.99 -13.64
N HIS B 50 40.81 5.12 -14.28
CA HIS B 50 40.88 6.43 -13.64
C HIS B 50 39.84 6.55 -12.54
N THR B 51 40.19 7.28 -11.47
CA THR B 51 39.36 7.46 -10.30
C THR B 51 39.28 8.94 -9.85
N LEU B 52 38.43 9.23 -8.88
CA LEU B 52 38.30 10.55 -8.28
C LEU B 52 38.15 10.34 -6.75
N PRO B 53 38.75 11.21 -5.91
CA PRO B 53 38.59 11.03 -4.46
C PRO B 53 37.25 11.53 -3.92
N VAL B 54 36.77 10.89 -2.87
CA VAL B 54 35.59 11.32 -2.12
C VAL B 54 36.17 11.71 -0.77
N ASN B 55 35.99 12.96 -0.34
CA ASN B 55 36.55 13.50 0.89
C ASN B 55 35.53 13.76 1.98
N ASN B 56 35.94 13.64 3.24
CA ASN B 56 35.10 13.90 4.39
C ASN B 56 35.11 15.42 4.57
N PRO B 57 33.98 16.16 4.42
CA PRO B 57 34.07 17.62 4.55
C PRO B 57 34.44 18.15 5.94
N ALA B 58 34.25 17.37 7.02
CA ALA B 58 34.59 17.87 8.36
C ALA B 58 36.06 17.77 8.66
N THR B 59 36.79 16.83 8.02
CA THR B 59 38.20 16.55 8.34
C THR B 59 39.17 16.80 7.18
N GLY B 60 38.66 16.85 5.94
CA GLY B 60 39.48 16.97 4.74
C GLY B 60 40.08 15.65 4.27
N GLU B 61 39.87 14.56 5.01
CA GLU B 61 40.48 13.28 4.69
C GLU B 61 39.78 12.56 3.55
N ILE B 62 40.53 11.85 2.70
CA ILE B 62 39.95 11.07 1.61
C ILE B 62 39.31 9.85 2.26
N LEU B 63 38.06 9.54 1.91
CA LEU B 63 37.39 8.33 2.41
C LEU B 63 37.81 7.14 1.52
N THR B 64 37.62 7.30 0.21
CA THR B 64 38.01 6.33 -0.80
C THR B 64 37.98 7.02 -2.16
N SER B 65 38.54 6.39 -3.17
CA SER B 65 38.41 6.86 -4.51
C SER B 65 37.31 5.99 -5.13
N VAL B 66 36.62 6.55 -6.12
CA VAL B 66 35.58 5.87 -6.84
C VAL B 66 35.91 6.03 -8.35
N PRO B 67 35.31 5.24 -9.27
CA PRO B 67 35.64 5.42 -10.69
C PRO B 67 35.28 6.79 -11.32
N PHE B 68 36.13 7.25 -12.24
CA PHE B 68 35.89 8.45 -13.01
C PHE B 68 35.46 7.92 -14.38
N MET B 69 34.16 7.68 -14.50
CA MET B 69 33.55 7.17 -15.71
C MET B 69 33.09 8.29 -16.65
N GLY B 70 32.77 7.98 -17.88
CA GLY B 70 32.26 8.95 -18.83
C GLY B 70 31.20 8.36 -19.75
N LYS B 71 31.21 8.83 -21.00
CA LYS B 71 30.29 8.42 -22.07
C LYS B 71 30.18 6.89 -22.27
N ARG B 72 31.31 6.19 -22.40
CA ARG B 72 31.29 4.75 -22.71
C ARG B 72 30.62 3.92 -21.64
N GLU B 73 30.94 4.18 -20.39
CA GLU B 73 30.36 3.46 -19.28
C GLU B 73 28.85 3.77 -19.18
N ALA B 74 28.46 5.03 -19.43
CA ALA B 74 27.05 5.41 -19.40
C ALA B 74 26.28 4.67 -20.49
N GLU B 75 26.86 4.53 -21.69
CA GLU B 75 26.21 3.78 -22.77
C GLU B 75 26.04 2.31 -22.38
N LYS B 76 27.04 1.71 -21.72
CA LYS B 76 26.93 0.31 -21.28
C LYS B 76 25.87 0.18 -20.18
N ALA B 77 25.75 1.17 -19.28
CA ALA B 77 24.73 1.15 -18.25
C ALA B 77 23.33 1.26 -18.89
N ILE B 78 23.17 2.11 -19.92
CA ILE B 78 21.89 2.27 -20.61
C ILE B 78 21.53 0.96 -21.33
N ALA B 79 22.50 0.31 -21.98
CA ALA B 79 22.24 -0.96 -22.67
C ALA B 79 21.81 -2.03 -21.66
N ALA B 80 22.43 -2.08 -20.47
CA ALA B 80 22.06 -3.06 -19.46
C ALA B 80 20.63 -2.78 -18.96
N ALA B 81 20.30 -1.50 -18.72
CA ALA B 81 18.96 -1.14 -18.27
C ALA B 81 17.91 -1.46 -19.33
N SER B 82 18.24 -1.24 -20.60
CA SER B 82 17.31 -1.52 -21.71
C SER B 82 17.07 -3.04 -21.85
N GLN B 83 18.10 -3.85 -21.68
CA GLN B 83 17.97 -5.30 -21.76
C GLN B 83 17.15 -5.82 -20.57
N ALA B 84 17.34 -5.24 -19.36
CA ALA B 84 16.60 -5.67 -18.19
C ALA B 84 15.14 -5.25 -18.18
N PHE B 85 14.79 -4.16 -18.89
CA PHE B 85 13.45 -3.61 -18.94
C PHE B 85 12.38 -4.60 -19.36
N THR B 86 12.62 -5.39 -20.38
CA THR B 86 11.63 -6.33 -20.92
C THR B 86 11.09 -7.27 -19.84
N SER B 87 11.96 -7.92 -19.10
CA SER B 87 11.56 -8.86 -18.06
C SER B 87 10.99 -8.13 -16.81
N TRP B 88 11.64 -7.04 -16.35
CA TRP B 88 11.19 -6.31 -15.19
C TRP B 88 9.81 -5.72 -15.39
N SER B 89 9.55 -5.09 -16.55
CA SER B 89 8.25 -4.47 -16.83
C SER B 89 7.15 -5.51 -17.01
N LYS B 90 7.47 -6.74 -17.40
CA LYS B 90 6.47 -7.80 -17.59
C LYS B 90 6.13 -8.56 -16.31
N ARG B 91 6.84 -8.31 -15.19
CA ARG B 91 6.49 -8.92 -13.92
C ARG B 91 5.15 -8.32 -13.48
N THR B 92 4.41 -9.03 -12.61
CA THR B 92 3.17 -8.46 -12.06
C THR B 92 3.58 -7.32 -11.12
N ALA B 93 2.67 -6.39 -10.85
CA ALA B 93 2.93 -5.31 -9.90
C ALA B 93 3.21 -5.90 -8.50
N ASN B 94 2.50 -6.95 -8.13
CA ASN B 94 2.69 -7.63 -6.85
C ASN B 94 4.10 -8.16 -6.67
N ASP B 95 4.68 -8.70 -7.74
CA ASP B 95 6.03 -9.26 -7.71
C ASP B 95 7.05 -8.13 -7.51
N ARG B 96 6.90 -7.02 -8.27
CA ARG B 96 7.81 -5.88 -8.08
C ARG B 96 7.64 -5.29 -6.67
N SER B 97 6.41 -5.25 -6.17
CA SER B 97 6.10 -4.73 -4.83
C SER B 97 6.84 -5.53 -3.76
N LYS B 98 6.83 -6.87 -3.85
CA LYS B 98 7.50 -7.74 -2.88
C LYS B 98 8.99 -7.46 -2.85
N ILE B 99 9.61 -7.34 -4.03
CA ILE B 99 11.04 -7.10 -4.14
C ILE B 99 11.39 -5.70 -3.60
N LEU B 100 10.61 -4.67 -3.93
CA LEU B 100 10.86 -3.33 -3.43
C LEU B 100 10.70 -3.27 -1.90
N ARG B 101 9.74 -4.03 -1.32
CA ARG B 101 9.59 -4.07 0.15
C ARG B 101 10.80 -4.71 0.79
N GLN B 102 11.39 -5.74 0.15
CA GLN B 102 12.62 -6.34 0.67
C GLN B 102 13.75 -5.31 0.68
N TRP B 103 13.81 -4.43 -0.33
CA TRP B 103 14.82 -3.38 -0.37
C TRP B 103 14.57 -2.38 0.76
N PHE B 104 13.30 -1.98 0.94
CA PHE B 104 12.92 -1.10 2.04
C PHE B 104 13.38 -1.66 3.42
N ASN B 105 13.12 -2.94 3.65
CA ASN B 105 13.48 -3.58 4.92
C ASN B 105 14.98 -3.58 5.14
N LEU B 106 15.78 -3.79 4.09
CA LEU B 106 17.23 -3.79 4.20
C LEU B 106 17.77 -2.40 4.47
N LEU B 107 17.16 -1.37 3.87
CA LEU B 107 17.55 0.02 4.13
C LEU B 107 17.32 0.34 5.61
N ILE B 108 16.16 -0.07 6.14
CA ILE B 108 15.83 0.19 7.55
C ILE B 108 16.73 -0.63 8.49
N LYS B 109 16.97 -1.90 8.17
CA LYS B 109 17.84 -2.74 8.99
C LYS B 109 19.26 -2.16 9.12
N ASN B 110 19.75 -1.52 8.04
CA ASN B 110 21.09 -0.94 8.01
C ASN B 110 21.10 0.57 8.22
N LYS B 111 20.04 1.16 8.80
CA LYS B 111 19.94 2.63 8.88
C LYS B 111 21.02 3.34 9.68
N ASP B 112 21.51 2.74 10.76
CA ASP B 112 22.51 3.40 11.60
C ASP B 112 23.84 3.49 10.86
N ASP B 113 24.27 2.41 10.20
CA ASP B 113 25.50 2.42 9.41
C ASP B 113 25.35 3.31 8.19
N LEU B 114 24.19 3.27 7.51
CA LEU B 114 23.98 4.13 6.34
C LEU B 114 23.97 5.59 6.74
N GLY B 115 23.37 5.91 7.90
CA GLY B 115 23.38 7.27 8.43
C GLY B 115 24.79 7.76 8.66
N LYS B 116 25.66 6.91 9.21
CA LYS B 116 27.06 7.28 9.43
C LYS B 116 27.80 7.51 8.12
N LEU B 117 27.47 6.75 7.06
CA LEU B 117 28.11 6.96 5.76
C LEU B 117 27.74 8.33 5.18
N ILE B 118 26.47 8.75 5.38
CA ILE B 118 26.04 10.08 4.94
C ILE B 118 26.85 11.16 5.69
N VAL B 119 27.02 10.99 7.01
CA VAL B 119 27.80 11.92 7.80
C VAL B 119 29.23 12.04 7.26
N LEU B 120 29.87 10.90 7.01
CA LEU B 120 31.23 10.89 6.53
C LEU B 120 31.43 11.63 5.21
N GLU B 121 30.57 11.39 4.22
CA GLU B 121 30.78 12.01 2.90
C GLU B 121 30.08 13.36 2.70
N GLN B 122 29.01 13.66 3.44
CA GLN B 122 28.25 14.91 3.25
C GLN B 122 28.35 15.86 4.46
N GLY B 123 28.55 15.33 5.65
CA GLY B 123 28.81 16.15 6.83
C GLY B 123 27.71 16.43 7.82
N LYS B 124 26.46 16.18 7.45
CA LYS B 124 25.33 16.55 8.32
C LYS B 124 25.38 15.81 9.67
N PRO B 125 24.76 16.35 10.75
CA PRO B 125 24.75 15.61 12.02
C PRO B 125 24.14 14.23 11.89
N LEU B 126 24.61 13.27 12.69
CA LEU B 126 24.13 11.90 12.62
C LEU B 126 22.61 11.77 12.80
N ALA B 127 21.98 12.56 13.69
CA ALA B 127 20.53 12.49 13.86
C ALA B 127 19.80 12.84 12.55
N GLU B 128 20.31 13.83 11.81
CA GLU B 128 19.72 14.21 10.53
C GLU B 128 19.97 13.14 9.49
N ALA B 129 21.16 12.51 9.51
CA ALA B 129 21.50 11.46 8.55
C ALA B 129 20.66 10.21 8.74
N VAL B 130 20.44 9.79 10.00
CA VAL B 130 19.58 8.62 10.26
C VAL B 130 18.13 8.98 9.86
N GLY B 131 17.69 10.21 10.15
CA GLY B 131 16.39 10.73 9.71
C GLY B 131 16.25 10.69 8.21
N GLU B 132 17.32 10.97 7.47
CA GLU B 132 17.32 10.89 6.02
C GLU B 132 17.17 9.45 5.53
N ILE B 133 17.74 8.46 6.23
CA ILE B 133 17.58 7.07 5.82
C ILE B 133 16.12 6.68 6.02
N VAL B 134 15.51 7.06 7.13
CA VAL B 134 14.11 6.71 7.39
C VAL B 134 13.21 7.37 6.32
N TYR B 135 13.46 8.62 6.01
CA TYR B 135 12.71 9.38 5.01
C TYR B 135 12.95 8.84 3.58
N GLY B 136 14.20 8.60 3.22
CA GLY B 136 14.55 8.06 1.92
C GLY B 136 13.98 6.67 1.72
N ALA B 137 14.10 5.80 2.73
CA ALA B 137 13.53 4.46 2.65
C ALA B 137 12.02 4.51 2.56
N ALA B 138 11.36 5.51 3.19
CA ALA B 138 9.90 5.65 3.13
C ALA B 138 9.38 5.74 1.68
N PHE B 139 10.15 6.33 0.74
CA PHE B 139 9.76 6.36 -0.67
C PHE B 139 9.77 4.97 -1.26
N VAL B 140 10.71 4.12 -0.84
CA VAL B 140 10.77 2.74 -1.33
C VAL B 140 9.50 2.00 -0.86
N GLU B 141 9.15 2.11 0.43
CA GLU B 141 7.93 1.47 0.94
C GLU B 141 6.70 2.02 0.23
N TYR B 142 6.59 3.34 0.13
CA TYR B 142 5.43 3.97 -0.46
C TYR B 142 5.15 3.48 -1.87
N TYR B 143 6.17 3.45 -2.73
CA TYR B 143 5.99 3.02 -4.10
C TYR B 143 5.93 1.51 -4.26
N ALA B 144 6.41 0.71 -3.30
CA ALA B 144 6.17 -0.74 -3.30
C ALA B 144 4.64 -0.98 -3.18
N GLU B 145 3.97 -0.16 -2.37
CA GLU B 145 2.53 -0.24 -2.17
C GLU B 145 1.80 0.36 -3.37
N GLU B 146 2.28 1.48 -3.87
CA GLU B 146 1.64 2.17 -4.99
C GLU B 146 1.78 1.40 -6.30
N ALA B 147 2.77 0.50 -6.43
CA ALA B 147 2.94 -0.29 -7.66
C ALA B 147 1.67 -1.09 -8.00
N LYS B 148 0.97 -1.57 -6.96
CA LYS B 148 -0.25 -2.36 -7.13
C LYS B 148 -1.49 -1.49 -7.33
N ARG B 149 -1.34 -0.15 -7.34
CA ARG B 149 -2.44 0.78 -7.46
C ARG B 149 -2.33 1.65 -8.71
N VAL B 150 -1.74 1.13 -9.76
CA VAL B 150 -1.66 1.82 -11.04
C VAL B 150 -2.95 1.44 -11.73
N TYR B 151 -4.03 2.17 -11.43
CA TYR B 151 -5.33 1.85 -11.96
C TYR B 151 -5.53 2.40 -13.34
N GLY B 152 -6.13 1.60 -14.20
CA GLY B 152 -6.62 2.07 -15.48
C GLY B 152 -8.08 2.49 -15.33
N ASP B 153 -8.69 2.94 -16.43
CA ASP B 153 -10.08 3.42 -16.42
C ASP B 153 -10.92 2.77 -17.50
N ILE B 154 -12.24 2.79 -17.31
CA ILE B 154 -13.25 2.46 -18.32
C ILE B 154 -14.08 3.73 -18.38
N ILE B 155 -14.12 4.36 -19.53
CA ILE B 155 -14.79 5.65 -19.69
C ILE B 155 -16.12 5.45 -20.37
N PRO B 156 -17.23 6.06 -19.90
CA PRO B 156 -18.49 5.92 -20.64
C PRO B 156 -18.34 6.47 -22.06
N SER B 157 -18.70 5.64 -23.03
CA SER B 157 -18.55 5.99 -24.41
C SER B 157 -19.78 6.72 -24.93
N PRO B 158 -19.62 7.87 -25.60
CA PRO B 158 -20.77 8.50 -26.27
C PRO B 158 -21.23 7.78 -27.55
N PHE B 159 -20.49 6.76 -28.02
CA PHE B 159 -20.83 5.96 -29.18
C PHE B 159 -21.37 4.62 -28.67
N PRO B 160 -22.63 4.25 -28.96
CA PRO B 160 -23.13 2.97 -28.45
C PRO B 160 -22.34 1.74 -28.87
N GLU B 161 -21.68 1.79 -30.03
CA GLU B 161 -20.93 0.67 -30.59
C GLU B 161 -19.45 0.63 -30.18
N LYS B 162 -19.02 1.54 -29.30
CA LYS B 162 -17.63 1.57 -28.86
C LYS B 162 -17.53 1.48 -27.35
N ARG B 163 -16.39 0.94 -26.87
CA ARG B 163 -16.04 0.90 -25.44
C ARG B 163 -14.66 1.50 -25.32
N MET B 164 -14.41 2.26 -24.25
CA MET B 164 -13.19 3.01 -24.11
C MET B 164 -12.48 2.71 -22.81
N LEU B 165 -11.19 2.40 -22.90
CA LEU B 165 -10.34 2.07 -21.77
C LEU B 165 -9.12 2.97 -21.74
N VAL B 166 -8.54 3.12 -20.56
CA VAL B 166 -7.26 3.77 -20.38
C VAL B 166 -6.38 2.82 -19.57
N MET B 167 -5.24 2.42 -20.15
CA MET B 167 -4.23 1.62 -19.53
C MET B 167 -3.04 2.54 -19.21
N LYS B 168 -2.22 2.17 -18.24
CA LYS B 168 -1.03 2.93 -17.85
C LYS B 168 0.12 1.95 -17.79
N GLN B 169 1.23 2.27 -18.47
CA GLN B 169 2.37 1.38 -18.63
C GLN B 169 3.70 2.10 -18.37
N PRO B 170 4.78 1.39 -17.94
CA PRO B 170 6.01 2.11 -17.65
C PRO B 170 6.59 2.80 -18.87
N VAL B 171 7.18 3.98 -18.67
CA VAL B 171 7.74 4.76 -19.77
C VAL B 171 8.96 4.07 -20.43
N GLY B 172 9.77 3.34 -19.67
CA GLY B 172 10.96 2.68 -20.21
C GLY B 172 12.19 2.95 -19.35
N VAL B 173 13.37 3.05 -19.96
CA VAL B 173 14.61 3.32 -19.22
C VAL B 173 14.58 4.77 -18.76
N VAL B 174 14.94 5.00 -17.50
CA VAL B 174 14.99 6.30 -16.86
C VAL B 174 16.44 6.63 -16.54
N ALA B 175 16.86 7.87 -16.81
CA ALA B 175 18.16 8.36 -16.38
C ALA B 175 17.88 9.30 -15.22
N ALA B 176 18.51 9.07 -14.07
CA ALA B 176 18.31 9.86 -12.88
C ALA B 176 19.60 10.52 -12.44
N ILE B 177 19.59 11.84 -12.26
CA ILE B 177 20.78 12.60 -11.84
C ILE B 177 20.44 13.25 -10.49
N ALA B 178 21.27 13.03 -9.46
CA ALA B 178 20.96 13.49 -8.09
C ALA B 178 22.02 14.43 -7.50
N PRO B 179 21.65 15.33 -6.55
CA PRO B 179 22.63 16.20 -5.92
C PRO B 179 23.26 15.59 -4.66
N TRP B 180 24.15 16.34 -4.01
CA TRP B 180 24.90 15.91 -2.84
C TRP B 180 24.26 16.13 -1.48
N ASN B 181 23.21 16.94 -1.38
CA ASN B 181 22.71 17.35 -0.07
C ASN B 181 21.84 16.32 0.66
N PHE B 182 21.24 15.39 -0.07
CA PHE B 182 20.51 14.28 0.52
C PHE B 182 20.98 13.04 -0.27
N PRO B 183 22.18 12.49 0.10
CA PRO B 183 22.76 11.41 -0.71
C PRO B 183 21.97 10.12 -0.84
N LEU B 184 21.01 9.84 0.05
CA LEU B 184 20.14 8.67 -0.13
C LEU B 184 18.77 9.11 -0.66
N ALA B 185 18.09 10.03 0.04
CA ALA B 185 16.71 10.37 -0.30
C ALA B 185 16.52 10.84 -1.70
N MET B 186 17.50 11.52 -2.27
CA MET B 186 17.41 11.96 -3.67
C MET B 186 17.53 10.82 -4.65
N ILE B 187 18.15 9.72 -4.27
CA ILE B 187 18.27 8.54 -5.10
C ILE B 187 16.89 7.81 -5.02
N THR B 188 16.40 7.49 -3.80
CA THR B 188 15.17 6.72 -3.65
C THR B 188 13.94 7.45 -4.14
N ARG B 189 13.88 8.78 -4.02
CA ARG B 189 12.77 9.57 -4.56
C ARG B 189 12.57 9.37 -6.05
N LYS B 190 13.64 9.06 -6.80
CA LYS B 190 13.61 8.84 -8.24
C LYS B 190 13.54 7.35 -8.59
N VAL B 191 14.37 6.54 -7.96
CA VAL B 191 14.48 5.12 -8.26
C VAL B 191 13.25 4.32 -7.82
N ALA B 192 12.73 4.56 -6.60
CA ALA B 192 11.59 3.80 -6.11
C ALA B 192 10.36 3.90 -7.02
N PRO B 193 9.88 5.10 -7.43
CA PRO B 193 8.73 5.14 -8.33
C PRO B 193 9.02 4.55 -9.69
N ALA B 194 10.25 4.75 -10.21
CA ALA B 194 10.61 4.21 -11.52
C ALA B 194 10.51 2.66 -11.50
N LEU B 195 11.11 2.03 -10.50
CA LEU B 195 11.09 0.57 -10.39
C LEU B 195 9.69 0.07 -10.16
N ALA B 196 8.91 0.76 -9.31
CA ALA B 196 7.53 0.35 -9.00
C ALA B 196 6.67 0.32 -10.27
N ALA B 197 6.80 1.36 -11.13
CA ALA B 197 6.07 1.42 -12.39
C ALA B 197 6.48 0.31 -13.39
N GLY B 198 7.69 -0.24 -13.25
CA GLY B 198 8.22 -1.23 -14.16
C GLY B 198 9.33 -0.71 -15.05
N CYS B 199 9.89 0.47 -14.75
CA CYS B 199 11.03 1.06 -15.43
C CYS B 199 12.33 0.45 -14.85
N THR B 200 13.43 0.63 -15.59
CA THR B 200 14.80 0.31 -15.15
C THR B 200 15.48 1.68 -15.10
N VAL B 201 16.61 1.78 -14.39
N VAL B 201 16.59 1.80 -14.33
N VAL B 201 16.61 1.78 -14.36
CA VAL B 201 17.24 3.08 -14.16
CA VAL B 201 17.24 3.10 -14.09
CA VAL B 201 17.29 3.05 -14.10
C VAL B 201 18.78 3.07 -14.23
C VAL B 201 18.78 3.07 -14.23
C VAL B 201 18.80 3.04 -14.29
N VAL B 202 19.35 4.19 -14.71
CA VAL B 202 20.77 4.46 -14.78
C VAL B 202 20.85 5.71 -13.88
N ILE B 203 21.52 5.58 -12.71
CA ILE B 203 21.65 6.62 -11.72
C ILE B 203 23.03 7.22 -11.77
N LYS B 204 23.11 8.57 -11.79
CA LYS B 204 24.37 9.27 -11.65
C LYS B 204 24.30 10.10 -10.36
N PRO B 205 24.82 9.60 -9.23
CA PRO B 205 24.82 10.41 -8.02
C PRO B 205 25.84 11.54 -8.14
N SER B 206 25.81 12.52 -7.22
CA SER B 206 26.83 13.57 -7.20
C SER B 206 28.22 12.92 -6.96
N GLU B 207 29.24 13.37 -7.69
CA GLU B 207 30.59 12.85 -7.46
C GLU B 207 31.08 13.23 -6.04
N LEU B 208 30.46 14.23 -5.38
CA LEU B 208 30.81 14.64 -4.04
C LEU B 208 30.31 13.64 -2.99
N THR B 209 29.18 12.94 -3.25
CA THR B 209 28.59 12.01 -2.27
C THR B 209 28.06 10.74 -2.97
N PRO B 210 28.90 9.93 -3.64
CA PRO B 210 28.40 8.74 -4.33
C PRO B 210 28.31 7.47 -3.50
N LEU B 211 28.98 7.42 -2.35
CA LEU B 211 29.07 6.19 -1.57
C LEU B 211 27.73 5.67 -1.07
N THR B 212 26.83 6.57 -0.65
CA THR B 212 25.50 6.17 -0.18
C THR B 212 24.65 5.59 -1.30
N ALA B 213 24.77 6.13 -2.52
CA ALA B 213 24.05 5.57 -3.67
C ALA B 213 24.53 4.15 -3.95
N LEU B 214 25.85 3.92 -3.87
CA LEU B 214 26.41 2.60 -4.12
C LEU B 214 26.01 1.62 -3.03
N ALA B 215 25.94 2.06 -1.77
CA ALA B 215 25.48 1.18 -0.68
C ALA B 215 24.00 0.84 -0.90
N ALA B 216 23.19 1.82 -1.31
CA ALA B 216 21.79 1.60 -1.58
C ALA B 216 21.62 0.59 -2.72
N ALA B 217 22.46 0.66 -3.78
CA ALA B 217 22.39 -0.27 -4.90
C ALA B 217 22.82 -1.68 -4.48
N GLU B 218 23.82 -1.80 -3.59
CA GLU B 218 24.21 -3.11 -3.05
C GLU B 218 23.01 -3.75 -2.33
N LEU B 219 22.31 -2.98 -1.49
CA LEU B 219 21.14 -3.50 -0.79
C LEU B 219 19.99 -3.83 -1.74
N ALA B 220 19.85 -3.10 -2.87
CA ALA B 220 18.85 -3.41 -3.89
C ALA B 220 19.16 -4.79 -4.49
N LEU B 221 20.43 -5.08 -4.77
CA LEU B 221 20.83 -6.41 -5.29
C LEU B 221 20.55 -7.51 -4.25
N GLN B 222 20.87 -7.26 -2.98
CA GLN B 222 20.58 -8.21 -1.89
C GLN B 222 19.08 -8.48 -1.77
N ALA B 223 18.25 -7.47 -2.01
CA ALA B 223 16.80 -7.60 -1.99
C ALA B 223 16.21 -8.42 -3.13
N GLY B 224 17.00 -8.77 -4.15
CA GLY B 224 16.53 -9.52 -5.29
C GLY B 224 16.16 -8.68 -6.49
N ILE B 225 16.58 -7.40 -6.53
CA ILE B 225 16.34 -6.57 -7.71
C ILE B 225 17.27 -7.14 -8.80
N PRO B 226 16.76 -7.63 -9.96
CA PRO B 226 17.66 -8.26 -10.93
C PRO B 226 18.76 -7.35 -11.47
N PRO B 227 19.92 -7.92 -11.86
CA PRO B 227 20.97 -7.07 -12.44
C PRO B 227 20.51 -6.34 -13.69
N GLY B 228 20.96 -5.10 -13.84
CA GLY B 228 20.56 -4.25 -14.95
C GLY B 228 19.36 -3.38 -14.65
N VAL B 229 18.54 -3.74 -13.65
CA VAL B 229 17.37 -2.93 -13.29
C VAL B 229 17.85 -1.62 -12.63
N VAL B 230 18.92 -1.69 -11.81
CA VAL B 230 19.54 -0.53 -11.19
C VAL B 230 21.01 -0.54 -11.62
N ASN B 231 21.50 0.60 -12.13
CA ASN B 231 22.88 0.78 -12.55
C ASN B 231 23.33 2.13 -12.01
N VAL B 232 24.59 2.22 -11.54
CA VAL B 232 25.14 3.43 -10.94
C VAL B 232 26.46 3.77 -11.60
N VAL B 233 26.55 4.97 -12.18
CA VAL B 233 27.74 5.50 -12.85
C VAL B 233 28.05 6.90 -12.32
N MET B 234 29.32 7.31 -12.34
CA MET B 234 29.74 8.64 -11.85
C MET B 234 31.10 9.01 -12.44
N GLY B 235 31.45 10.30 -12.40
CA GLY B 235 32.72 10.80 -12.89
C GLY B 235 32.59 12.06 -13.70
N ASP B 236 32.61 11.94 -15.01
CA ASP B 236 32.47 13.08 -15.92
C ASP B 236 30.96 13.30 -16.08
N ALA B 237 30.37 14.12 -15.21
CA ALA B 237 28.93 14.42 -15.21
C ALA B 237 28.43 14.93 -16.57
N LYS B 238 29.17 15.80 -17.24
CA LYS B 238 28.78 16.30 -18.56
C LYS B 238 28.72 15.16 -19.62
N GLY B 239 29.75 14.35 -19.69
CA GLY B 239 29.81 13.21 -20.61
C GLY B 239 28.76 12.16 -20.32
N ILE B 240 28.47 11.90 -19.03
CA ILE B 240 27.43 10.94 -18.65
C ILE B 240 26.07 11.52 -19.08
N GLY B 241 25.79 12.77 -18.73
CA GLY B 241 24.54 13.45 -19.10
C GLY B 241 24.29 13.50 -20.58
N ASP B 242 25.34 13.74 -21.38
CA ASP B 242 25.22 13.75 -22.84
C ASP B 242 24.87 12.35 -23.36
N ALA B 243 25.44 11.27 -22.82
CA ALA B 243 25.08 9.91 -23.21
C ALA B 243 23.60 9.63 -22.89
N MET B 244 23.12 10.12 -21.73
CA MET B 244 21.72 9.96 -21.33
C MET B 244 20.81 10.69 -22.31
N LEU B 245 21.17 11.92 -22.67
CA LEU B 245 20.37 12.73 -23.60
C LEU B 245 20.39 12.22 -25.03
N ASP B 246 21.53 11.70 -25.51
CA ASP B 246 21.65 11.20 -26.88
C ASP B 246 20.99 9.84 -27.10
N SER B 247 20.76 9.07 -26.05
CA SER B 247 20.18 7.72 -26.18
C SER B 247 18.71 7.77 -26.47
N THR B 248 18.25 7.04 -27.48
CA THR B 248 16.80 6.95 -27.74
C THR B 248 16.15 5.96 -26.77
N GLU B 249 16.90 5.01 -26.16
CA GLU B 249 16.33 4.09 -25.18
C GLU B 249 15.97 4.78 -23.87
N VAL B 250 16.64 5.88 -23.52
CA VAL B 250 16.34 6.62 -22.30
C VAL B 250 15.07 7.41 -22.65
N ARG B 251 13.93 7.00 -22.11
CA ARG B 251 12.66 7.66 -22.41
C ARG B 251 12.30 8.79 -21.45
N LYS B 252 12.99 8.88 -20.32
CA LYS B 252 12.73 9.86 -19.31
C LYS B 252 14.00 10.23 -18.60
N ILE B 253 14.10 11.51 -18.23
CA ILE B 253 15.19 11.99 -17.41
C ILE B 253 14.60 12.70 -16.18
N THR B 254 15.15 12.39 -15.01
CA THR B 254 14.75 13.05 -13.78
C THR B 254 16.01 13.67 -13.18
N PHE B 255 15.95 14.95 -12.84
CA PHE B 255 17.10 15.67 -12.31
C PHE B 255 16.74 16.51 -11.09
N THR B 256 17.65 16.56 -10.11
CA THR B 256 17.52 17.46 -9.00
C THR B 256 18.89 18.11 -8.83
N GLY B 257 18.91 19.44 -8.80
CA GLY B 257 20.14 20.22 -8.65
C GLY B 257 19.99 21.64 -9.14
N SER B 258 21.08 22.27 -9.58
CA SER B 258 21.07 23.67 -9.93
C SER B 258 20.19 24.03 -11.14
N THR B 259 19.66 25.24 -11.11
CA THR B 259 18.78 25.73 -12.17
C THR B 259 19.49 25.76 -13.53
N GLY B 260 20.73 26.21 -13.58
CA GLY B 260 21.50 26.31 -14.82
C GLY B 260 21.72 24.97 -15.49
N VAL B 261 22.08 23.94 -14.71
CA VAL B 261 22.27 22.60 -15.26
C VAL B 261 20.89 22.02 -15.67
N GLY B 262 19.88 22.22 -14.85
CA GLY B 262 18.53 21.77 -15.14
C GLY B 262 17.97 22.28 -16.46
N LYS B 263 18.17 23.57 -16.70
CA LYS B 263 17.72 24.22 -17.93
C LYS B 263 18.43 23.65 -19.16
N MET B 264 19.71 23.34 -19.06
CA MET B 264 20.49 22.74 -20.16
C MET B 264 19.98 21.33 -20.45
N LEU B 265 19.67 20.55 -19.41
CA LEU B 265 19.17 19.18 -19.61
C LEU B 265 17.82 19.23 -20.27
N LEU B 266 16.95 20.13 -19.83
CA LEU B 266 15.62 20.28 -20.42
C LEU B 266 15.75 20.69 -21.89
N ALA B 267 16.67 21.58 -22.22
CA ALA B 267 16.92 21.94 -23.61
C ALA B 267 17.43 20.75 -24.44
N GLY B 268 18.39 19.99 -23.89
CA GLY B 268 18.96 18.83 -24.56
C GLY B 268 17.97 17.68 -24.76
N ALA B 269 17.00 17.54 -23.86
CA ALA B 269 15.96 16.50 -23.93
C ALA B 269 15.00 16.67 -25.12
N GLY B 270 14.91 17.88 -25.65
CA GLY B 270 14.03 18.17 -26.76
C GLY B 270 14.23 17.32 -28.00
N LYS B 271 15.49 17.01 -28.36
CA LYS B 271 15.75 16.31 -29.61
C LYS B 271 15.28 14.85 -29.64
N THR B 272 15.02 14.20 -28.50
CA THR B 272 14.43 12.86 -28.49
C THR B 272 13.06 12.87 -27.78
N VAL B 273 12.48 14.06 -27.48
CA VAL B 273 11.18 14.25 -26.85
C VAL B 273 11.06 13.39 -25.58
N LYS B 274 12.06 13.49 -24.71
CA LYS B 274 12.04 12.74 -23.46
C LYS B 274 11.07 13.36 -22.49
N LYS B 275 10.46 12.53 -21.65
CA LYS B 275 9.71 13.03 -20.51
C LYS B 275 10.79 13.56 -19.53
N VAL B 276 10.56 14.72 -18.93
CA VAL B 276 11.53 15.33 -18.03
C VAL B 276 10.86 15.77 -16.75
N SER B 277 11.46 15.45 -15.62
CA SER B 277 10.99 15.97 -14.34
C SER B 277 12.22 16.54 -13.65
N LEU B 278 12.08 17.75 -13.09
CA LEU B 278 13.19 18.52 -12.53
C LEU B 278 12.79 19.12 -11.21
N GLU B 279 13.75 19.23 -10.29
CA GLU B 279 13.57 20.01 -9.08
C GLU B 279 14.82 20.85 -9.01
N LEU B 280 14.65 22.17 -9.09
CA LEU B 280 15.73 23.13 -9.23
C LEU B 280 15.79 24.09 -8.05
N GLY B 281 16.44 25.22 -8.21
CA GLY B 281 16.61 26.17 -7.15
C GLY B 281 15.33 26.68 -6.54
N GLY B 282 15.42 26.95 -5.25
CA GLY B 282 14.34 27.53 -4.47
C GLY B 282 14.88 28.73 -3.72
N ASN B 283 14.03 29.68 -3.45
CA ASN B 283 14.41 30.85 -2.65
C ASN B 283 13.19 31.07 -1.81
N ALA B 284 13.06 30.23 -0.78
CA ALA B 284 11.87 30.20 0.04
C ALA B 284 11.62 31.40 0.93
N PRO B 285 10.54 32.15 0.72
CA PRO B 285 10.19 33.21 1.68
C PRO B 285 9.41 32.57 2.84
N CYS B 286 9.51 33.19 4.01
CA CYS B 286 8.80 32.79 5.20
C CYS B 286 8.16 34.04 5.75
N ILE B 287 6.84 34.07 5.94
CA ILE B 287 6.15 35.24 6.44
C ILE B 287 5.72 34.99 7.87
N VAL B 288 6.21 35.78 8.81
CA VAL B 288 5.79 35.73 10.20
C VAL B 288 4.84 36.90 10.44
N PHE B 289 3.55 36.61 10.56
CA PHE B 289 2.55 37.65 10.79
C PHE B 289 2.49 38.05 12.27
N ASP B 290 1.90 39.23 12.58
CA ASP B 290 1.75 39.74 13.94
C ASP B 290 1.04 38.79 14.89
N ASP B 291 0.07 38.02 14.36
CA ASP B 291 -0.68 37.10 15.20
C ASP B 291 -0.10 35.69 15.20
N ALA B 292 1.17 35.51 14.81
CA ALA B 292 1.80 34.20 14.87
C ALA B 292 1.98 33.80 16.32
N ASN B 293 1.99 32.50 16.59
CA ASN B 293 2.33 31.99 17.92
C ASN B 293 3.87 32.07 17.90
N LEU B 294 4.42 32.92 18.74
CA LEU B 294 5.84 33.20 18.75
C LEU B 294 6.73 31.99 18.90
N ASP B 295 6.44 31.10 19.87
CA ASP B 295 7.27 29.90 20.05
C ASP B 295 7.20 28.98 18.83
N VAL B 296 6.03 28.84 18.22
CA VAL B 296 5.88 28.00 17.00
C VAL B 296 6.69 28.61 15.86
N ALA B 297 6.62 29.93 15.70
CA ALA B 297 7.36 30.60 14.66
C ALA B 297 8.86 30.48 14.85
N VAL B 298 9.36 30.68 16.08
CA VAL B 298 10.80 30.62 16.34
C VAL B 298 11.31 29.21 16.10
N LYS B 299 10.63 28.21 16.66
CA LYS B 299 11.01 26.81 16.48
C LYS B 299 10.92 26.38 14.99
N GLY B 300 9.88 26.81 14.29
CA GLY B 300 9.65 26.53 12.88
C GLY B 300 10.69 27.13 11.96
N VAL B 301 11.04 28.41 12.19
CA VAL B 301 12.05 29.07 11.37
C VAL B 301 13.43 28.48 11.68
N LEU B 302 13.74 28.21 12.95
CA LEU B 302 15.03 27.57 13.29
C LEU B 302 15.21 26.23 12.54
N ALA B 303 14.19 25.38 12.56
CA ALA B 303 14.23 24.09 11.89
C ALA B 303 14.24 24.25 10.36
N GLY B 304 13.42 25.12 9.82
CA GLY B 304 13.32 25.32 8.38
C GLY B 304 14.52 25.98 7.74
N LYS B 305 15.27 26.77 8.51
CA LYS B 305 16.43 27.46 8.00
C LYS B 305 17.71 26.65 8.19
N TYR B 306 17.96 26.16 9.40
CA TYR B 306 19.26 25.61 9.74
C TYR B 306 19.41 24.12 9.59
N ARG B 307 18.36 23.39 9.14
CA ARG B 307 18.51 21.94 8.90
C ARG B 307 19.53 21.77 7.74
N ASN B 308 20.47 20.85 7.91
CA ASN B 308 21.55 20.59 6.97
C ASN B 308 22.41 21.84 6.78
N SER B 309 22.54 22.67 7.83
CA SER B 309 23.24 23.95 7.80
C SER B 309 22.73 24.87 6.67
N GLY B 310 21.45 24.79 6.37
CA GLY B 310 20.80 25.59 5.33
C GLY B 310 20.94 25.05 3.92
N GLN B 311 21.53 23.85 3.76
CA GLN B 311 21.80 23.24 2.46
C GLN B 311 20.67 22.34 1.96
N THR B 312 19.42 22.87 1.90
CA THR B 312 18.26 22.15 1.34
C THR B 312 17.55 23.12 0.43
N CYS B 313 16.94 22.67 -0.69
CA CYS B 313 16.23 23.64 -1.55
C CYS B 313 14.85 23.98 -1.02
N VAL B 314 14.39 23.38 0.08
CA VAL B 314 13.18 23.86 0.75
C VAL B 314 13.55 24.77 1.96
N CYS B 315 14.86 25.02 2.23
CA CYS B 315 15.26 25.85 3.36
C CYS B 315 14.70 27.25 3.21
N ILE B 316 14.40 27.86 4.35
CA ILE B 316 13.94 29.24 4.41
C ILE B 316 15.12 30.12 3.99
N ASN B 317 14.94 30.95 2.98
CA ASN B 317 16.00 31.81 2.47
C ASN B 317 15.85 33.25 2.90
N LYS B 318 14.63 33.72 3.15
CA LYS B 318 14.35 35.08 3.56
C LYS B 318 13.09 35.11 4.43
N ILE B 319 13.14 35.87 5.52
CA ILE B 319 12.04 35.91 6.48
C ILE B 319 11.46 37.29 6.53
N PHE B 320 10.18 37.43 6.25
CA PHE B 320 9.46 38.69 6.30
C PHE B 320 8.74 38.70 7.62
N VAL B 321 9.00 39.70 8.47
CA VAL B 321 8.42 39.74 9.81
C VAL B 321 7.60 41.01 9.95
N GLN B 322 6.34 40.86 10.38
CA GLN B 322 5.44 41.98 10.48
C GLN B 322 5.85 42.92 11.60
N ASP B 323 5.62 44.21 11.38
CA ASP B 323 6.07 45.29 12.26
C ASP B 323 5.79 45.08 13.76
N GLY B 324 4.58 44.67 14.10
CA GLY B 324 4.22 44.49 15.50
C GLY B 324 4.94 43.38 16.24
N ILE B 325 5.40 42.31 15.54
CA ILE B 325 6.09 41.20 16.20
C ILE B 325 7.61 41.21 15.94
N TYR B 326 8.14 42.14 15.11
CA TYR B 326 9.55 42.14 14.73
C TYR B 326 10.55 42.04 15.89
N ASP B 327 10.47 42.94 16.89
CA ASP B 327 11.45 42.95 17.97
C ASP B 327 11.41 41.68 18.81
N LYS B 328 10.22 41.21 19.14
CA LYS B 328 10.06 40.00 19.94
C LYS B 328 10.58 38.79 19.17
N PHE B 329 10.29 38.71 17.86
CA PHE B 329 10.77 37.60 17.05
C PHE B 329 12.28 37.63 16.92
N ALA B 330 12.88 38.78 16.56
CA ALA B 330 14.33 38.88 16.39
C ALA B 330 15.09 38.48 17.66
N GLU B 331 14.60 38.91 18.82
CA GLU B 331 15.22 38.58 20.11
C GLU B 331 15.12 37.07 20.40
N ALA B 332 13.94 36.46 20.30
CA ALA B 332 13.78 35.04 20.57
C ALA B 332 14.46 34.17 19.53
N PHE B 333 14.46 34.61 18.27
CA PHE B 333 15.09 33.86 17.19
C PHE B 333 16.61 33.87 17.38
N ALA B 334 17.21 35.03 17.76
CA ALA B 334 18.65 35.09 18.04
C ALA B 334 19.04 34.15 19.18
N LYS B 335 18.23 34.09 20.24
CA LYS B 335 18.49 33.19 21.36
C LYS B 335 18.44 31.73 20.91
N ALA B 336 17.47 31.34 20.06
CA ALA B 336 17.39 29.96 19.56
C ALA B 336 18.58 29.63 18.66
N VAL B 337 18.99 30.56 17.77
CA VAL B 337 20.10 30.31 16.87
C VAL B 337 21.41 30.17 17.66
N SER B 338 21.56 30.91 18.79
CA SER B 338 22.77 30.82 19.61
C SER B 338 22.96 29.44 20.27
N GLY B 339 21.90 28.65 20.38
CA GLY B 339 22.04 27.29 20.93
C GLY B 339 22.54 26.27 19.94
N LEU B 340 22.69 26.64 18.65
CA LEU B 340 23.17 25.68 17.65
C LEU B 340 24.66 25.44 17.88
N ARG B 341 25.11 24.20 17.63
CA ARG B 341 26.49 23.77 17.85
C ARG B 341 27.08 23.15 16.59
N ALA B 342 28.21 23.71 16.10
CA ALA B 342 28.89 23.22 14.91
C ALA B 342 29.99 22.23 15.24
N GLY B 343 30.20 21.29 14.33
CA GLY B 343 31.25 20.31 14.49
C GLY B 343 31.05 19.07 13.66
N ASN B 344 31.87 18.07 13.94
CA ASN B 344 31.84 16.80 13.23
C ASN B 344 30.51 16.11 13.56
N GLY B 345 29.79 15.67 12.53
CA GLY B 345 28.47 15.06 12.68
C GLY B 345 28.39 13.77 13.46
N LEU B 346 29.54 13.09 13.64
CA LEU B 346 29.58 11.87 14.46
C LEU B 346 29.74 12.18 15.96
N GLU B 347 29.89 13.46 16.34
CA GLU B 347 30.03 13.83 17.74
C GLU B 347 28.66 14.16 18.33
N PRO B 348 28.27 13.58 19.47
CA PRO B 348 26.94 13.89 20.05
C PRO B 348 26.74 15.35 20.42
N GLY B 349 25.51 15.83 20.32
CA GLY B 349 25.18 17.21 20.62
C GLY B 349 25.38 18.18 19.47
N ILE B 350 25.96 17.71 18.34
CA ILE B 350 26.24 18.56 17.20
C ILE B 350 24.99 18.75 16.34
N THR B 351 24.63 20.02 16.07
CA THR B 351 23.45 20.33 15.29
C THR B 351 23.75 21.10 13.99
N GLN B 352 25.03 21.40 13.69
CA GLN B 352 25.41 22.03 12.44
C GLN B 352 26.68 21.34 11.90
N GLY B 353 26.62 20.85 10.68
CA GLY B 353 27.75 20.26 10.00
C GLY B 353 28.45 21.28 9.12
N PRO B 354 29.55 20.90 8.47
CA PRO B 354 30.24 21.84 7.59
C PRO B 354 29.55 22.01 6.25
N LEU B 355 29.85 23.11 5.57
CA LEU B 355 29.35 23.32 4.21
C LEU B 355 30.14 22.35 3.31
N ILE B 356 29.51 21.86 2.25
CA ILE B 356 30.06 20.78 1.44
C ILE B 356 31.48 21.02 0.91
N ASN B 357 31.82 22.25 0.56
CA ASN B 357 33.15 22.55 0.01
C ASN B 357 33.44 24.06 0.04
N GLU B 358 34.63 24.47 -0.40
CA GLU B 358 35.05 25.87 -0.39
C GLU B 358 34.18 26.76 -1.29
N THR B 359 33.66 26.25 -2.41
CA THR B 359 32.79 27.04 -3.30
C THR B 359 31.51 27.44 -2.54
N ALA B 360 30.92 26.49 -1.78
CA ALA B 360 29.74 26.76 -0.98
C ALA B 360 30.05 27.83 0.09
N LEU B 361 31.19 27.72 0.77
CA LEU B 361 31.62 28.67 1.78
C LEU B 361 31.79 30.07 1.17
N GLU B 362 32.41 30.16 -0.01
CA GLU B 362 32.63 31.45 -0.69
C GLU B 362 31.31 32.09 -1.07
N LYS B 363 30.31 31.28 -1.49
CA LYS B 363 28.99 31.84 -1.83
C LYS B 363 28.34 32.42 -0.57
N VAL B 364 28.42 31.72 0.56
CA VAL B 364 27.87 32.22 1.83
C VAL B 364 28.52 33.54 2.22
N GLU B 365 29.85 33.61 2.14
CA GLU B 365 30.59 34.83 2.47
C GLU B 365 30.24 35.99 1.52
N ARG B 366 30.00 35.69 0.24
CA ARG B 366 29.61 36.69 -0.76
C ARG B 366 28.23 37.27 -0.41
N HIS B 367 27.26 36.41 -0.01
CA HIS B 367 25.94 36.88 0.40
C HIS B 367 25.98 37.74 1.66
N VAL B 368 26.80 37.36 2.66
CA VAL B 368 26.89 38.10 3.92
C VAL B 368 27.55 39.47 3.66
N GLN B 369 28.64 39.51 2.90
CA GLN B 369 29.33 40.77 2.59
C GLN B 369 28.40 41.70 1.81
N ASP B 370 27.68 41.18 0.81
CA ASP B 370 26.77 42.02 0.02
C ASP B 370 25.68 42.60 0.91
N ALA B 371 25.08 41.79 1.79
CA ALA B 371 24.05 42.29 2.69
C ALA B 371 24.60 43.39 3.62
N VAL B 372 25.74 43.16 4.26
CA VAL B 372 26.33 44.15 5.17
C VAL B 372 26.70 45.47 4.40
N SER B 373 27.20 45.37 3.16
CA SER B 373 27.51 46.55 2.36
C SER B 373 26.26 47.37 1.99
N LYS B 374 25.07 46.74 1.99
CA LYS B 374 23.81 47.41 1.67
C LYS B 374 22.95 47.74 2.91
N GLY B 375 23.55 47.73 4.10
CA GLY B 375 22.88 48.12 5.33
C GLY B 375 22.42 47.04 6.29
N ALA B 376 22.64 45.74 6.00
CA ALA B 376 22.19 44.69 6.93
C ALA B 376 22.97 44.72 8.23
N LYS B 377 22.31 44.40 9.33
CA LYS B 377 22.88 44.38 10.67
C LYS B 377 23.10 42.92 11.08
N VAL B 378 24.33 42.56 11.45
CA VAL B 378 24.62 41.19 11.89
C VAL B 378 24.16 41.07 13.34
N LEU B 379 23.10 40.28 13.60
CA LEU B 379 22.58 40.08 14.95
C LEU B 379 23.27 38.91 15.66
N VAL B 380 23.66 37.87 14.90
CA VAL B 380 24.37 36.68 15.39
C VAL B 380 25.29 36.20 14.25
N GLY B 381 26.45 35.63 14.59
CA GLY B 381 27.38 35.07 13.62
C GLY B 381 28.01 36.04 12.66
N GLY B 382 27.90 35.76 11.38
CA GLY B 382 28.44 36.61 10.33
C GLY B 382 29.90 36.40 9.99
N LYS B 383 30.46 35.26 10.37
CA LYS B 383 31.84 34.94 10.06
C LYS B 383 32.07 33.44 10.05
N ARG B 384 33.24 33.03 9.51
CA ARG B 384 33.68 31.64 9.50
C ARG B 384 33.79 31.14 10.94
N HIS B 385 33.38 29.92 11.19
CA HIS B 385 33.44 29.33 12.53
C HIS B 385 34.89 29.11 12.93
N SER B 386 35.17 29.13 14.25
CA SER B 386 36.51 28.90 14.79
C SER B 386 37.08 27.52 14.41
N LEU B 387 36.22 26.55 14.03
CA LEU B 387 36.70 25.24 13.58
C LEU B 387 37.43 25.29 12.24
N GLY B 388 37.26 26.35 11.46
CA GLY B 388 37.90 26.47 10.18
C GLY B 388 37.23 25.59 9.16
N ARG B 389 38.00 25.22 8.11
CA ARG B 389 37.51 24.44 6.99
C ARG B 389 36.30 25.15 6.36
N THR B 390 35.16 24.47 6.15
CA THR B 390 33.99 25.07 5.58
C THR B 390 32.85 25.21 6.62
N PHE B 391 33.18 25.31 7.91
CA PHE B 391 32.18 25.55 8.94
C PHE B 391 31.90 27.05 9.00
N TYR B 392 30.62 27.45 8.97
CA TYR B 392 30.24 28.85 9.02
C TYR B 392 29.30 29.05 10.21
N GLU B 393 29.47 30.18 10.93
CA GLU B 393 28.65 30.42 12.09
C GLU B 393 27.19 30.63 11.70
N PRO B 394 26.22 29.97 12.37
CA PRO B 394 24.80 30.31 12.12
C PRO B 394 24.58 31.81 12.32
N THR B 395 24.02 32.45 11.29
CA THR B 395 23.92 33.89 11.19
C THR B 395 22.51 34.38 11.02
N ILE B 396 22.25 35.57 11.57
CA ILE B 396 21.01 36.29 11.39
C ILE B 396 21.41 37.69 10.95
N LEU B 397 20.78 38.18 9.88
CA LEU B 397 20.99 39.52 9.37
C LEU B 397 19.69 40.29 9.46
N GLY B 398 19.64 41.29 10.32
CA GLY B 398 18.49 42.16 10.45
C GLY B 398 18.56 43.26 9.41
N ASN B 399 17.45 44.00 9.24
N ASN B 399 17.45 44.00 9.25
CA ASN B 399 17.37 45.11 8.30
CA ASN B 399 17.33 45.11 8.31
C ASN B 399 17.73 44.73 6.87
C ASN B 399 17.73 44.72 6.88
N ALA B 400 17.32 43.53 6.43
CA ALA B 400 17.60 43.08 5.05
C ALA B 400 16.62 43.77 4.07
N SER B 401 16.95 43.77 2.77
CA SER B 401 16.10 44.42 1.77
C SER B 401 16.12 43.68 0.42
N ASP B 402 15.16 44.02 -0.46
CA ASP B 402 15.01 43.39 -1.77
C ASP B 402 16.11 43.71 -2.78
N GLU B 403 17.07 44.57 -2.45
CA GLU B 403 18.21 44.84 -3.32
C GLU B 403 19.40 43.90 -3.01
N MET B 404 19.35 43.13 -1.92
CA MET B 404 20.46 42.29 -1.50
C MET B 404 20.50 40.99 -2.25
N LEU B 405 21.71 40.49 -2.47
CA LEU B 405 21.96 39.22 -3.16
C LEU B 405 21.25 38.06 -2.46
N ILE B 406 21.28 38.03 -1.12
CA ILE B 406 20.60 36.99 -0.35
C ILE B 406 19.07 36.99 -0.56
N PHE B 407 18.48 38.13 -0.86
CA PHE B 407 17.06 38.23 -1.16
C PHE B 407 16.76 37.70 -2.57
N ARG B 408 17.65 37.96 -3.52
CA ARG B 408 17.43 37.59 -4.91
C ARG B 408 17.86 36.17 -5.26
N GLU B 409 18.85 35.61 -4.55
CA GLU B 409 19.42 34.32 -4.86
C GLU B 409 19.52 33.37 -3.67
N GLU B 410 19.55 32.07 -3.99
CA GLU B 410 19.60 30.99 -3.00
C GLU B 410 20.97 30.96 -2.31
N VAL B 411 21.02 31.22 -0.99
CA VAL B 411 22.31 31.24 -0.26
C VAL B 411 22.86 29.81 0.01
N PHE B 412 22.00 28.83 0.27
CA PHE B 412 22.41 27.42 0.55
C PHE B 412 23.46 27.38 1.67
N GLY B 413 23.13 28.07 2.77
CA GLY B 413 23.99 28.21 3.93
C GLY B 413 23.24 28.73 5.14
N PRO B 414 23.87 28.72 6.33
CA PRO B 414 23.15 29.04 7.56
C PRO B 414 23.03 30.52 7.85
N VAL B 415 22.39 31.27 6.93
CA VAL B 415 22.23 32.69 7.02
C VAL B 415 20.76 33.03 6.87
N ALA B 416 20.20 33.73 7.87
CA ALA B 416 18.78 34.08 7.90
C ALA B 416 18.57 35.59 7.85
N PRO B 417 18.18 36.16 6.70
CA PRO B 417 17.89 37.60 6.66
C PRO B 417 16.45 37.93 7.03
N LEU B 418 16.25 39.02 7.80
CA LEU B 418 14.94 39.47 8.27
C LEU B 418 14.55 40.76 7.58
N VAL B 419 13.37 40.77 6.98
CA VAL B 419 12.84 41.90 6.24
C VAL B 419 11.59 42.33 6.99
N ARG B 420 11.53 43.55 7.44
CA ARG B 420 10.36 44.09 8.12
C ARG B 420 9.30 44.45 7.10
N PHE B 421 8.02 44.28 7.43
CA PHE B 421 6.93 44.67 6.55
C PHE B 421 5.76 45.18 7.37
N ASN B 422 4.83 45.90 6.73
N ASN B 422 4.84 45.90 6.73
CA ASN B 422 3.68 46.47 7.41
CA ASN B 422 3.69 46.50 7.39
C ASN B 422 2.37 45.69 7.16
C ASN B 422 2.39 45.70 7.16
N THR B 423 1.93 45.54 5.90
CA THR B 423 0.66 44.86 5.61
C THR B 423 0.81 43.43 5.06
N ASP B 424 -0.25 42.63 5.23
CA ASP B 424 -0.29 41.28 4.70
C ASP B 424 -0.12 41.27 3.17
N GLU B 425 -0.81 42.19 2.48
CA GLU B 425 -0.74 42.25 1.02
C GLU B 425 0.69 42.56 0.54
N GLU B 426 1.39 43.45 1.23
CA GLU B 426 2.78 43.80 0.92
C GLU B 426 3.68 42.55 0.99
N ALA B 427 3.60 41.79 2.09
CA ALA B 427 4.42 40.59 2.23
C ALA B 427 4.11 39.54 1.19
N ILE B 428 2.83 39.33 0.86
CA ILE B 428 2.45 38.31 -0.13
C ILE B 428 2.96 38.69 -1.53
N LYS B 429 2.76 39.94 -1.94
CA LYS B 429 3.23 40.40 -3.25
C LYS B 429 4.76 40.31 -3.35
N LEU B 430 5.44 40.62 -2.26
CA LEU B 430 6.90 40.54 -2.19
C LEU B 430 7.35 39.06 -2.29
N ALA B 431 6.66 38.16 -1.56
CA ALA B 431 6.94 36.72 -1.63
C ALA B 431 6.77 36.15 -3.05
N ASN B 432 5.74 36.61 -3.78
CA ASN B 432 5.43 36.14 -5.14
C ASN B 432 6.19 36.84 -6.28
N ASN B 433 7.05 37.81 -5.96
CA ASN B 433 7.73 38.59 -6.98
C ASN B 433 9.03 38.00 -7.53
N SER B 434 9.12 36.67 -7.64
CA SER B 434 10.32 36.04 -8.18
C SER B 434 9.95 34.94 -9.15
N GLU B 435 10.97 34.41 -9.84
CA GLU B 435 10.82 33.29 -10.74
C GLU B 435 10.98 31.92 -10.02
N PHE B 436 11.26 31.93 -8.72
CA PHE B 436 11.32 30.72 -7.92
C PHE B 436 9.87 30.37 -7.50
N GLY B 437 9.63 29.12 -7.20
CA GLY B 437 8.32 28.63 -6.80
C GLY B 437 8.37 27.26 -6.17
N LEU B 438 9.39 26.98 -5.36
CA LEU B 438 9.53 25.68 -4.72
C LEU B 438 8.79 25.69 -3.38
N ALA B 439 9.42 26.09 -2.25
CA ALA B 439 8.74 26.11 -0.96
C ALA B 439 8.55 27.55 -0.47
N ALA B 440 7.56 27.77 0.39
CA ALA B 440 7.28 29.01 1.09
C ALA B 440 6.65 28.65 2.44
N TYR B 441 6.72 29.57 3.40
CA TYR B 441 6.23 29.32 4.74
C TYR B 441 5.47 30.52 5.26
N ALA B 442 4.53 30.27 6.17
CA ALA B 442 3.77 31.33 6.80
C ALA B 442 3.40 30.93 8.20
N PHE B 443 3.40 31.89 9.12
CA PHE B 443 3.06 31.68 10.52
C PHE B 443 2.00 32.68 10.92
N THR B 444 0.80 32.18 11.20
CA THR B 444 -0.34 32.95 11.66
C THR B 444 -1.30 32.04 12.44
N GLU B 445 -1.92 32.54 13.52
CA GLU B 445 -2.92 31.77 14.26
C GLU B 445 -4.33 31.92 13.67
N ASN B 446 -4.55 32.83 12.73
CA ASN B 446 -5.87 33.10 12.20
C ASN B 446 -6.24 32.20 11.04
N ILE B 447 -7.42 31.57 11.12
CA ILE B 447 -7.90 30.65 10.12
C ILE B 447 -8.06 31.28 8.71
N THR B 448 -8.68 32.45 8.62
CA THR B 448 -8.90 33.14 7.34
C THR B 448 -7.57 33.57 6.75
N ARG B 449 -6.69 34.19 7.56
CA ARG B 449 -5.39 34.63 7.07
C ARG B 449 -4.54 33.45 6.63
N GLY B 450 -4.53 32.37 7.40
CA GLY B 450 -3.75 31.17 7.08
C GLY B 450 -4.13 30.54 5.76
N TRP B 451 -5.44 30.34 5.55
CA TRP B 451 -5.90 29.76 4.29
C TRP B 451 -5.63 30.73 3.14
N ARG B 452 -5.89 32.03 3.32
CA ARG B 452 -5.63 33.03 2.28
C ARG B 452 -4.18 33.07 1.85
N VAL B 453 -3.23 33.06 2.81
CA VAL B 453 -1.82 33.10 2.48
C VAL B 453 -1.41 31.80 1.75
N ALA B 454 -1.93 30.63 2.19
CA ALA B 454 -1.60 29.38 1.54
C ALA B 454 -2.07 29.37 0.08
N GLU B 455 -3.28 29.90 -0.18
CA GLU B 455 -3.81 29.97 -1.54
C GLU B 455 -3.07 30.98 -2.39
N SER B 456 -2.68 32.13 -1.80
CA SER B 456 -2.04 33.20 -2.54
C SER B 456 -0.61 32.97 -2.92
N LEU B 457 0.14 32.16 -2.13
CA LEU B 457 1.55 31.95 -2.39
C LEU B 457 1.76 31.08 -3.64
N GLU B 458 2.55 31.60 -4.59
CA GLU B 458 2.79 30.94 -5.87
C GLU B 458 3.97 29.99 -5.77
N PHE B 459 3.83 28.97 -4.92
CA PHE B 459 4.87 28.00 -4.62
C PHE B 459 4.28 26.60 -4.62
N GLY B 460 5.10 25.62 -4.98
CA GLY B 460 4.65 24.24 -5.02
C GLY B 460 4.37 23.63 -3.66
N MET B 461 4.96 24.20 -2.61
CA MET B 461 4.78 23.74 -1.24
C MET B 461 4.72 24.88 -0.29
N VAL B 462 3.81 24.80 0.69
CA VAL B 462 3.63 25.82 1.70
C VAL B 462 3.56 25.18 3.07
N GLY B 463 4.40 25.63 3.98
CA GLY B 463 4.33 25.22 5.37
C GLY B 463 3.56 26.30 6.12
N LEU B 464 2.42 25.95 6.72
CA LEU B 464 1.61 26.87 7.49
C LEU B 464 1.73 26.48 8.96
N ASN B 465 2.44 27.30 9.75
CA ASN B 465 2.78 27.03 11.15
C ASN B 465 3.63 25.77 11.24
N GLU B 466 4.49 25.55 10.24
CA GLU B 466 5.33 24.35 10.16
C GLU B 466 6.59 24.70 9.43
N GLY B 467 7.73 24.34 9.99
CA GLY B 467 9.03 24.56 9.39
C GLY B 467 9.61 23.32 8.72
N LEU B 468 9.09 22.11 9.04
CA LEU B 468 9.56 20.84 8.46
C LEU B 468 8.39 20.14 7.73
N ILE B 469 8.37 20.30 6.42
CA ILE B 469 7.25 19.82 5.60
C ILE B 469 7.52 18.54 4.82
N SER B 470 8.78 18.09 4.76
CA SER B 470 9.14 16.91 3.97
C SER B 470 8.43 15.65 4.42
N THR B 471 7.90 14.91 3.44
CA THR B 471 7.20 13.63 3.63
C THR B 471 7.07 12.92 2.29
N GLU B 472 7.12 11.59 2.29
CA GLU B 472 6.94 10.81 1.07
C GLU B 472 5.50 10.77 0.56
N VAL B 473 4.51 11.12 1.41
CA VAL B 473 3.10 11.01 1.08
C VAL B 473 2.54 12.20 0.32
N ALA B 474 3.29 13.31 0.21
CA ALA B 474 2.80 14.51 -0.42
C ALA B 474 3.60 14.88 -1.65
N PRO B 475 2.98 15.56 -2.63
CA PRO B 475 3.72 15.92 -3.84
C PRO B 475 4.69 17.08 -3.66
N PHE B 476 5.95 16.85 -3.94
CA PHE B 476 7.02 17.81 -3.81
C PHE B 476 7.53 18.23 -5.17
N GLY B 477 7.65 19.54 -5.36
CA GLY B 477 8.16 20.11 -6.59
C GLY B 477 7.82 21.56 -6.75
N GLY B 478 8.30 22.14 -7.83
CA GLY B 478 8.19 23.57 -8.01
C GLY B 478 7.32 24.06 -9.13
N MET B 479 6.89 25.30 -8.99
CA MET B 479 6.19 26.10 -9.98
C MET B 479 7.24 27.04 -10.61
N LYS B 480 6.86 27.73 -11.69
CA LYS B 480 7.70 28.71 -12.38
C LYS B 480 9.05 28.10 -12.75
N GLN B 481 10.21 28.73 -12.45
CA GLN B 481 11.50 28.17 -12.82
C GLN B 481 12.10 27.20 -11.79
N SER B 482 11.32 26.77 -10.79
CA SER B 482 11.82 25.84 -9.77
C SER B 482 11.62 24.38 -10.13
N GLY B 483 10.92 24.04 -11.22
CA GLY B 483 10.80 22.65 -11.61
C GLY B 483 9.65 22.26 -12.49
N LEU B 484 9.61 20.95 -12.79
CA LEU B 484 8.55 20.27 -13.56
C LEU B 484 8.30 18.92 -12.89
N GLY B 485 7.04 18.55 -12.75
CA GLY B 485 6.69 17.28 -12.15
C GLY B 485 6.74 17.29 -10.63
N ARG B 486 6.32 16.17 -10.04
CA ARG B 486 6.28 16.04 -8.59
C ARG B 486 6.86 14.73 -8.15
N GLU B 487 7.41 14.70 -6.95
CA GLU B 487 7.97 13.51 -6.32
C GLU B 487 7.28 13.28 -5.00
N GLY B 488 7.02 12.02 -4.69
CA GLY B 488 6.22 11.68 -3.52
C GLY B 488 4.74 11.69 -3.89
N SER B 489 3.91 11.05 -3.05
CA SER B 489 2.48 10.92 -3.22
C SER B 489 2.08 9.99 -4.38
N LYS B 490 0.78 9.70 -4.52
CA LYS B 490 0.25 8.95 -5.64
C LYS B 490 0.63 9.60 -6.97
N TYR B 491 0.76 10.93 -7.03
CA TYR B 491 1.12 11.63 -8.26
C TYR B 491 2.55 11.40 -8.71
N GLY B 492 3.45 11.05 -7.80
CA GLY B 492 4.83 10.79 -8.16
C GLY B 492 5.01 9.66 -9.14
N LEU B 493 4.15 8.67 -9.09
CA LEU B 493 4.24 7.51 -9.97
C LEU B 493 3.86 7.83 -11.41
N ASP B 494 2.95 8.80 -11.63
CA ASP B 494 2.51 9.20 -12.97
C ASP B 494 3.62 9.71 -13.87
N GLU B 495 4.67 10.24 -13.27
CA GLU B 495 5.82 10.75 -14.01
C GLU B 495 6.52 9.61 -14.76
N TYR B 496 6.41 8.36 -14.28
CA TYR B 496 7.06 7.18 -14.84
C TYR B 496 6.16 6.29 -15.67
N LEU B 497 4.97 6.77 -16.02
CA LEU B 497 3.99 6.03 -16.77
C LEU B 497 3.58 6.78 -18.00
N GLU B 498 3.15 6.03 -19.02
CA GLU B 498 2.56 6.52 -20.24
C GLU B 498 1.11 6.02 -20.25
N MET B 499 0.17 6.89 -20.57
CA MET B 499 -1.22 6.51 -20.72
C MET B 499 -1.46 5.99 -22.12
N LYS B 500 -2.40 5.08 -22.24
CA LYS B 500 -2.80 4.48 -23.50
C LYS B 500 -4.31 4.38 -23.50
N TYR B 501 -4.94 4.99 -24.48
CA TYR B 501 -6.37 4.92 -24.69
C TYR B 501 -6.61 3.77 -25.67
N VAL B 502 -7.48 2.83 -25.32
CA VAL B 502 -7.83 1.73 -26.20
C VAL B 502 -9.32 1.87 -26.48
N CYS B 503 -9.67 1.92 -27.76
CA CYS B 503 -11.05 2.05 -28.18
C CYS B 503 -11.47 0.76 -28.87
N LEU B 504 -12.41 0.02 -28.29
CA LEU B 504 -12.95 -1.19 -28.86
C LEU B 504 -14.17 -0.84 -29.68
N GLY B 505 -14.21 -1.25 -30.92
CA GLY B 505 -15.34 -0.98 -31.81
C GLY B 505 -16.18 -2.21 -32.09
N ASN B 506 -17.22 -2.02 -32.91
CA ASN B 506 -18.17 -3.06 -33.30
C ASN B 506 -18.75 -3.79 -32.06
N MET B 507 -19.03 -3.02 -31.00
CA MET B 507 -19.54 -3.55 -29.77
C MET B 507 -21.06 -3.60 -29.80
N ALA B 508 -21.62 -4.61 -29.14
CA ALA B 508 -23.06 -4.91 -29.17
C ALA B 508 -23.78 -4.26 -28.01
N GLN B 509 -25.09 -4.09 -28.13
CA GLN B 509 -25.90 -3.55 -27.04
C GLN B 509 -26.11 -4.67 -26.01
N PRO B 510 -26.14 -4.37 -24.69
CA PRO B 510 -26.46 -5.44 -23.72
C PRO B 510 -27.85 -6.02 -23.94
N VAL B 511 -28.07 -7.26 -23.50
CA VAL B 511 -29.34 -7.98 -23.62
C VAL B 511 -30.26 -7.55 -22.47
N GLY B 512 -31.49 -7.15 -22.84
CA GLY B 512 -32.59 -6.69 -21.97
C GLY B 512 -32.23 -6.36 -20.54
#